data_8ZHW
#
_entry.id   8ZHW
#
_cell.length_a   104.235
_cell.length_b   87.518
_cell.length_c   111.189
_cell.angle_alpha   90.00
_cell.angle_beta   111.87
_cell.angle_gamma   90.00
#
_symmetry.space_group_name_H-M   'P 1 2 1'
#
_entity_poly.entity_id   1
_entity_poly.type   'polypeptide(L)'
_entity_poly.pdbx_seq_one_letter_code
;EFPLYTIPEKIEKWTPIDMIHLSCPNNLLSEEEGCNAESSFTYFELKSGYLAHQKVPGFTCTGVVNEAETYTGGSGGTTF
KRKHFRPTVAACRDAYNWKVSGDPRYEESLHTPYGGSGGTTTKESLLIISPSIVEMDIYGRTLHSPMFPSGVCSNVYPSV
PSCETNHDYTLWLPEDPSLSLVCDIFTSSNGKKAMNGSRICGFKDERGFYRSLKGACKLTLCGRPGIRLFDGTWVSFTKP
DVHVWCTPNQLINIHNDRLDEIEHLIVEDIIKKREECLDTLETILMSQSVSFRRLSHFRKLVPGYGKAYTILNGSLMETN
VYYKRVDKWADILPSKGCLKVGQQCMEPVKGVLFNGIIKGPDGQILIPEMQSEQLKQHMDLLKAAVFPLRHPLISREAVF
KKDGDADDFVDLHMPDVHKSVSDVDLGLPHHHHHHH
;
_entity_poly.pdbx_strand_id   A,B,C
#
# COMPACT_ATOMS: atom_id res chain seq x y z
N GLU A 1 -0.76 -0.09 20.56
CA GLU A 1 0.70 -0.12 20.57
C GLU A 1 1.25 -0.66 21.89
N PHE A 2 2.50 -1.11 21.86
CA PHE A 2 3.19 -1.64 23.04
C PHE A 2 3.28 -0.55 24.11
N PRO A 3 2.69 -0.75 25.29
CA PRO A 3 2.83 0.23 26.36
C PRO A 3 4.27 0.33 26.84
N LEU A 4 4.55 1.43 27.55
CA LEU A 4 5.84 1.60 28.19
C LEU A 4 6.08 0.53 29.25
N TYR A 5 5.06 0.25 30.05
CA TYR A 5 5.14 -0.70 31.15
C TYR A 5 3.76 -1.29 31.36
N THR A 6 3.71 -2.41 32.06
CA THR A 6 2.45 -3.09 32.37
C THR A 6 2.41 -3.40 33.85
N ILE A 7 1.36 -2.95 34.52
CA ILE A 7 1.22 -3.22 35.95
C ILE A 7 0.02 -4.15 36.15
N PRO A 8 0.11 -5.14 37.02
CA PRO A 8 -1.08 -5.96 37.31
C PRO A 8 -2.19 -5.10 37.91
N GLU A 9 -3.43 -5.47 37.60
CA GLU A 9 -4.57 -4.74 38.15
C GLU A 9 -4.64 -4.93 39.66
N LYS A 10 -4.51 -6.16 40.13
CA LYS A 10 -4.55 -6.46 41.55
C LYS A 10 -4.03 -7.88 41.77
N ILE A 11 -3.16 -8.05 42.76
CA ILE A 11 -2.66 -9.37 43.12
C ILE A 11 -3.71 -10.07 43.99
N GLU A 12 -4.06 -11.30 43.63
CA GLU A 12 -5.08 -12.05 44.35
C GLU A 12 -4.47 -13.05 45.34
N LYS A 13 -3.68 -14.00 44.86
CA LYS A 13 -3.07 -15.01 45.70
C LYS A 13 -1.57 -15.08 45.44
N TRP A 14 -0.89 -15.92 46.23
CA TRP A 14 0.50 -16.29 45.96
C TRP A 14 0.63 -17.78 46.29
N THR A 15 0.60 -18.61 45.26
CA THR A 15 0.72 -20.06 45.43
C THR A 15 2.10 -20.49 44.99
N PRO A 16 2.92 -21.08 45.87
CA PRO A 16 4.27 -21.50 45.47
C PRO A 16 4.20 -22.61 44.43
N ILE A 17 5.07 -22.51 43.42
CA ILE A 17 5.11 -23.44 42.31
C ILE A 17 6.54 -23.91 42.09
N ASP A 18 6.69 -24.77 41.10
CA ASP A 18 7.99 -25.22 40.62
C ASP A 18 8.58 -24.19 39.66
N MET A 19 9.89 -24.24 39.48
CA MET A 19 10.57 -23.27 38.62
C MET A 19 10.39 -23.60 37.15
N ILE A 20 10.40 -24.88 36.78
CA ILE A 20 10.20 -25.26 35.39
C ILE A 20 8.83 -24.83 34.89
N HIS A 21 7.87 -24.65 35.79
CA HIS A 21 6.55 -24.15 35.40
C HIS A 21 6.62 -22.75 34.78
N LEU A 22 7.72 -22.03 35.00
CA LEU A 22 7.90 -20.73 34.37
C LEU A 22 7.81 -20.85 32.85
N SER A 23 7.22 -19.85 32.22
CA SER A 23 7.17 -19.77 30.78
C SER A 23 7.14 -18.30 30.38
N CYS A 24 7.98 -17.94 29.43
CA CYS A 24 8.08 -16.56 29.00
C CYS A 24 6.78 -16.14 28.32
N PRO A 25 6.36 -14.89 28.47
CA PRO A 25 5.03 -14.50 27.98
C PRO A 25 4.82 -14.68 26.48
N ASN A 26 5.88 -14.49 25.68
CA ASN A 26 5.82 -14.57 24.21
C ASN A 26 4.91 -13.48 23.63
N ASN A 27 4.61 -12.46 24.45
CA ASN A 27 3.63 -11.39 24.21
C ASN A 27 3.53 -10.98 22.75
N LEU A 28 2.34 -11.13 22.19
CA LEU A 28 2.03 -10.68 20.84
C LEU A 28 0.71 -9.94 20.85
N LEU A 29 0.58 -8.96 19.95
CA LEU A 29 -0.69 -8.28 19.78
C LEU A 29 -1.63 -9.06 18.86
N SER A 30 -1.09 -9.93 18.00
CA SER A 30 -1.96 -10.72 17.12
C SER A 30 -2.88 -11.62 17.93
N GLU A 31 -2.32 -12.36 18.89
CA GLU A 31 -3.12 -13.26 19.71
C GLU A 31 -3.82 -12.57 20.86
N GLU A 32 -3.62 -11.26 21.05
CA GLU A 32 -4.29 -10.53 22.12
C GLU A 32 -5.67 -10.04 21.72
N GLU A 33 -5.90 -9.80 20.43
CA GLU A 33 -7.24 -9.54 19.91
C GLU A 33 -7.93 -10.81 19.45
N GLY A 34 -7.28 -11.95 19.58
CA GLY A 34 -7.84 -13.20 19.15
C GLY A 34 -7.66 -13.45 17.67
N CYS A 35 -6.43 -13.27 17.19
CA CYS A 35 -6.09 -13.53 15.78
C CYS A 35 -4.80 -14.32 15.75
N ASN A 36 -4.91 -15.64 15.73
CA ASN A 36 -3.74 -16.51 15.67
C ASN A 36 -3.36 -16.91 14.26
N ALA A 37 -4.27 -16.75 13.30
CA ALA A 37 -3.93 -16.97 11.91
C ALA A 37 -3.06 -15.82 11.41
N GLU A 38 -2.23 -16.12 10.42
CA GLU A 38 -1.39 -15.09 9.82
C GLU A 38 -1.12 -15.44 8.38
N SER A 39 -1.57 -14.58 7.47
CA SER A 39 -1.41 -14.81 6.04
C SER A 39 -0.54 -13.71 5.45
N SER A 40 0.14 -14.04 4.36
CA SER A 40 1.00 -13.10 3.65
C SER A 40 0.19 -12.38 2.58
N PHE A 41 0.27 -11.04 2.55
CA PHE A 41 -0.46 -10.25 1.57
C PHE A 41 0.42 -9.12 1.07
N THR A 42 -0.07 -8.43 0.05
CA THR A 42 0.62 -7.31 -0.59
C THR A 42 -0.23 -6.06 -0.45
N TYR A 43 0.27 -5.08 0.28
CA TYR A 43 -0.44 -3.83 0.50
C TYR A 43 0.28 -2.70 -0.24
N PHE A 44 -0.26 -1.49 -0.10
CA PHE A 44 0.24 -0.32 -0.80
C PHE A 44 0.55 0.78 0.21
N GLU A 45 1.68 1.43 0.05
CA GLU A 45 2.01 2.58 0.88
C GLU A 45 2.41 3.74 0.00
N LEU A 46 2.51 4.91 0.61
CA LEU A 46 3.12 6.05 -0.05
C LEU A 46 4.55 5.73 -0.44
N LYS A 47 4.99 6.30 -1.57
CA LYS A 47 6.39 6.16 -1.99
C LYS A 47 7.31 6.67 -0.90
N SER A 48 8.43 5.96 -0.72
CA SER A 48 9.36 6.31 0.35
C SER A 48 9.93 7.71 0.12
N GLY A 49 10.21 8.41 1.22
CA GLY A 49 10.64 9.80 1.17
C GLY A 49 9.48 10.77 1.06
N TYR A 50 9.79 12.04 1.31
CA TYR A 50 8.80 13.11 1.27
C TYR A 50 8.02 13.09 -0.04
N LEU A 51 6.76 12.68 0.04
CA LEU A 51 5.90 12.57 -1.13
C LEU A 51 4.69 13.48 -0.91
N ALA A 52 4.79 14.71 -1.40
CA ALA A 52 3.72 15.70 -1.26
C ALA A 52 3.98 16.81 -2.27
N HIS A 53 2.97 17.69 -2.42
CA HIS A 53 3.03 18.83 -3.33
C HIS A 53 3.34 18.36 -4.76
N GLN A 54 2.33 17.73 -5.36
CA GLN A 54 2.55 16.98 -6.59
C GLN A 54 3.00 17.87 -7.74
N LYS A 55 2.49 19.10 -7.80
CA LYS A 55 2.93 20.07 -8.81
C LYS A 55 2.62 19.54 -10.21
N VAL A 56 1.34 19.62 -10.55
CA VAL A 56 0.86 19.01 -11.80
C VAL A 56 1.28 19.88 -12.98
N PRO A 57 1.73 19.28 -14.11
CA PRO A 57 2.07 20.09 -15.28
C PRO A 57 0.91 20.21 -16.25
N GLY A 58 0.66 21.42 -16.74
CA GLY A 58 -0.43 21.65 -17.69
C GLY A 58 -0.21 22.95 -18.43
N PHE A 59 -1.18 23.27 -19.28
CA PHE A 59 -1.08 24.44 -20.14
C PHE A 59 -2.44 25.15 -20.20
N THR A 60 -2.41 26.38 -20.71
CA THR A 60 -3.59 27.20 -20.88
C THR A 60 -3.91 27.38 -22.36
N CYS A 61 -5.19 27.25 -22.70
CA CYS A 61 -5.66 27.37 -24.08
C CYS A 61 -6.48 28.65 -24.22
N THR A 62 -6.03 29.55 -25.08
CA THR A 62 -6.68 30.84 -25.29
C THR A 62 -7.48 30.81 -26.59
N GLY A 63 -8.78 31.07 -26.48
CA GLY A 63 -9.65 31.09 -27.65
C GLY A 63 -9.50 32.35 -28.48
N ALA A 90 -10.46 19.20 -27.50
CA ALA A 90 -9.52 18.34 -28.19
C ALA A 90 -8.64 19.14 -29.15
N ALA A 91 -9.17 20.26 -29.64
CA ALA A 91 -8.38 21.14 -30.49
C ALA A 91 -7.22 21.76 -29.73
N CYS A 92 -7.39 22.00 -28.44
CA CYS A 92 -6.32 22.57 -27.63
C CYS A 92 -5.15 21.60 -27.48
N ARG A 93 -5.43 20.30 -27.43
CA ARG A 93 -4.35 19.31 -27.38
C ARG A 93 -3.60 19.25 -28.70
N ASP A 94 -4.29 19.41 -29.83
CA ASP A 94 -3.60 19.47 -31.11
C ASP A 94 -2.75 20.73 -31.22
N ALA A 95 -3.26 21.86 -30.72
CA ALA A 95 -2.49 23.10 -30.75
C ALA A 95 -1.29 23.01 -29.82
N TYR A 96 -1.44 22.35 -28.67
CA TYR A 96 -0.32 22.18 -27.74
C TYR A 96 0.74 21.24 -28.33
N ASN A 97 0.30 20.14 -28.92
CA ASN A 97 1.24 19.24 -29.57
C ASN A 97 1.93 19.89 -30.77
N TRP A 98 1.24 20.83 -31.41
CA TRP A 98 1.88 21.58 -32.49
C TRP A 98 2.90 22.58 -31.95
N LYS A 99 2.59 23.25 -30.84
CA LYS A 99 3.56 24.16 -30.23
C LYS A 99 4.76 23.41 -29.66
N VAL A 100 4.59 22.12 -29.34
CA VAL A 100 5.74 21.33 -28.89
C VAL A 100 6.72 21.08 -30.04
N SER A 101 6.21 20.87 -31.24
CA SER A 101 7.06 20.63 -32.41
C SER A 101 6.98 21.79 -33.39
N LEU A 126 -5.79 29.33 -31.57
CA LEU A 126 -5.63 29.02 -30.16
C LEU A 126 -4.25 29.41 -29.65
N LEU A 127 -4.21 30.33 -28.68
CA LEU A 127 -2.96 30.79 -28.09
C LEU A 127 -2.64 29.95 -26.86
N ILE A 128 -1.67 29.05 -26.99
CA ILE A 128 -1.25 28.20 -25.89
C ILE A 128 -0.27 28.98 -25.01
N ILE A 129 -0.60 29.09 -23.73
CA ILE A 129 0.25 29.75 -22.75
C ILE A 129 0.73 28.67 -21.78
N SER A 130 2.04 28.43 -21.77
CA SER A 130 2.63 27.40 -20.95
C SER A 130 4.02 27.84 -20.49
N PRO A 131 4.49 27.32 -19.34
CA PRO A 131 3.79 26.36 -18.47
C PRO A 131 2.76 26.98 -17.54
N SER A 132 1.82 26.16 -17.08
CA SER A 132 0.85 26.56 -16.05
C SER A 132 0.85 25.46 -14.99
N ILE A 133 1.92 25.41 -14.19
CA ILE A 133 2.05 24.39 -13.15
C ILE A 133 1.04 24.67 -12.04
N VAL A 134 0.30 23.63 -11.65
CA VAL A 134 -0.74 23.73 -10.64
C VAL A 134 -0.46 22.74 -9.53
N GLU A 135 -0.89 23.10 -8.32
CA GLU A 135 -0.76 22.21 -7.17
C GLU A 135 -1.86 21.16 -7.21
N MET A 136 -1.60 20.00 -6.60
CA MET A 136 -2.64 19.00 -6.44
C MET A 136 -2.67 18.54 -5.00
N ASP A 137 -3.83 18.71 -4.37
CA ASP A 137 -4.14 18.01 -3.14
C ASP A 137 -4.42 16.53 -3.47
N ILE A 138 -3.55 15.64 -2.98
CA ILE A 138 -3.70 14.22 -3.24
C ILE A 138 -4.91 13.63 -2.53
N TYR A 139 -5.46 14.33 -1.55
CA TYR A 139 -6.57 13.78 -0.78
C TYR A 139 -7.80 13.57 -1.63
N GLY A 140 -8.17 14.57 -2.43
CA GLY A 140 -9.34 14.44 -3.28
C GLY A 140 -9.05 14.64 -4.75
N ARG A 141 -7.79 14.48 -5.15
CA ARG A 141 -7.36 14.76 -6.51
C ARG A 141 -7.75 16.17 -6.92
N THR A 142 -7.51 17.13 -6.02
CA THR A 142 -7.93 18.50 -6.23
C THR A 142 -6.80 19.32 -6.84
N LEU A 143 -7.16 20.27 -7.69
CA LEU A 143 -6.19 21.15 -8.31
C LEU A 143 -6.25 22.53 -7.66
N HIS A 144 -5.12 23.22 -7.66
CA HIS A 144 -4.95 24.45 -6.90
C HIS A 144 -4.12 25.45 -7.69
N SER A 145 -4.66 26.66 -7.85
CA SER A 145 -3.99 27.84 -8.42
C SER A 145 -4.97 29.00 -8.41
N PRO A 146 -4.52 30.22 -8.13
CA PRO A 146 -5.46 31.37 -8.18
C PRO A 146 -6.02 31.64 -9.56
N MET A 147 -5.39 31.11 -10.62
CA MET A 147 -5.90 31.33 -11.97
C MET A 147 -7.24 30.60 -12.16
N PHE A 148 -7.45 29.53 -11.42
CA PHE A 148 -8.74 28.87 -11.42
C PHE A 148 -9.79 29.75 -10.76
N PRO A 149 -11.04 29.66 -11.21
CA PRO A 149 -12.12 30.42 -10.54
C PRO A 149 -12.28 29.93 -9.11
N SER A 150 -12.09 30.85 -8.16
CA SER A 150 -12.06 30.56 -6.73
C SER A 150 -10.99 29.54 -6.33
N GLY A 151 -9.94 29.37 -7.14
CA GLY A 151 -8.74 28.67 -6.67
C GLY A 151 -8.75 27.16 -6.72
N VAL A 152 -9.84 26.51 -7.13
CA VAL A 152 -9.97 25.06 -7.03
C VAL A 152 -10.76 24.54 -8.23
N CYS A 153 -10.24 23.49 -8.87
CA CYS A 153 -10.97 22.73 -9.90
C CYS A 153 -10.90 21.25 -9.53
N SER A 154 -12.06 20.60 -9.44
CA SER A 154 -12.18 19.22 -9.02
C SER A 154 -13.16 18.51 -9.94
N ASN A 155 -12.68 17.47 -10.63
CA ASN A 155 -13.51 16.74 -11.58
C ASN A 155 -12.90 15.37 -11.82
N VAL A 156 -13.57 14.60 -12.69
CA VAL A 156 -13.21 13.22 -13.03
C VAL A 156 -13.11 12.34 -11.78
N PRO A 161 -11.45 16.21 -18.03
CA PRO A 161 -10.03 16.28 -18.35
C PRO A 161 -9.57 17.70 -18.71
N SER A 162 -10.46 18.68 -18.54
CA SER A 162 -10.12 20.08 -18.73
C SER A 162 -10.87 20.91 -17.69
N CYS A 163 -10.26 22.02 -17.31
CA CYS A 163 -10.78 22.89 -16.26
C CYS A 163 -11.08 24.27 -16.81
N GLU A 164 -11.53 25.16 -15.92
CA GLU A 164 -11.86 26.53 -16.25
C GLU A 164 -10.79 27.47 -15.70
N THR A 165 -11.01 28.77 -15.95
CA THR A 165 -10.06 29.81 -15.56
C THR A 165 -10.85 31.10 -15.35
N ASN A 166 -10.19 32.08 -14.73
CA ASN A 166 -10.80 33.39 -14.45
C ASN A 166 -11.14 34.16 -15.73
N HIS A 167 -10.78 33.61 -16.89
CA HIS A 167 -11.09 34.21 -18.18
C HIS A 167 -11.91 33.22 -18.99
N ASP A 168 -13.07 33.66 -19.48
CA ASP A 168 -13.90 32.81 -20.33
C ASP A 168 -13.32 32.63 -21.71
N TYR A 169 -12.30 33.40 -22.08
CA TYR A 169 -11.64 33.27 -23.38
C TYR A 169 -10.41 32.38 -23.32
N THR A 170 -9.82 32.17 -22.14
CA THR A 170 -8.67 31.30 -21.97
C THR A 170 -8.97 30.31 -20.85
N LEU A 171 -9.05 29.03 -21.18
CA LEU A 171 -9.31 27.97 -20.22
C LEU A 171 -8.09 27.07 -20.04
N TRP A 172 -8.05 26.37 -18.91
CA TRP A 172 -6.92 25.54 -18.55
C TRP A 172 -7.08 24.10 -19.07
N SER A 178 -4.66 12.94 -19.16
CA SER A 178 -3.66 12.08 -18.55
C SER A 178 -4.05 11.78 -17.11
N LEU A 179 -3.43 12.50 -16.16
CA LEU A 179 -3.75 12.48 -14.73
C LEU A 179 -3.30 11.21 -14.02
N SER A 180 -2.52 10.35 -14.68
CA SER A 180 -2.00 9.13 -14.09
C SER A 180 -0.55 9.26 -13.62
N LEU A 181 0.32 9.95 -14.36
CA LEU A 181 1.73 10.00 -13.98
C LEU A 181 1.93 10.81 -12.70
N VAL A 182 1.17 11.89 -12.54
CA VAL A 182 1.32 12.70 -11.34
C VAL A 182 0.78 11.96 -10.12
N CYS A 183 -0.19 11.07 -10.34
CA CYS A 183 -0.86 10.34 -9.27
C CYS A 183 -0.35 8.91 -9.11
N ASP A 184 0.91 8.65 -9.50
CA ASP A 184 1.56 7.35 -9.30
C ASP A 184 2.51 7.50 -8.11
N ILE A 185 1.94 7.41 -6.91
CA ILE A 185 2.67 7.79 -5.71
C ILE A 185 2.67 6.66 -4.69
N PHE A 186 2.54 5.42 -5.16
CA PHE A 186 2.42 4.29 -4.25
C PHE A 186 3.41 3.20 -4.60
N THR A 187 3.84 2.46 -3.57
CA THR A 187 4.64 1.25 -3.73
C THR A 187 3.88 0.07 -3.16
N SER A 188 3.89 -1.02 -3.92
CA SER A 188 3.36 -2.30 -3.45
C SER A 188 4.44 -2.98 -2.61
N SER A 189 4.10 -3.31 -1.37
CA SER A 189 5.03 -3.91 -0.43
C SER A 189 4.37 -5.12 0.23
N ASN A 190 5.19 -5.89 0.94
CA ASN A 190 4.78 -7.17 1.51
C ASN A 190 4.50 -7.02 3.00
N GLY A 191 3.39 -7.62 3.44
CA GLY A 191 3.00 -7.58 4.83
C GLY A 191 2.32 -8.88 5.19
N LYS A 192 1.94 -8.99 6.46
CA LYS A 192 1.31 -10.20 6.99
C LYS A 192 0.13 -9.80 7.86
N LYS A 193 -1.07 -10.22 7.47
CA LYS A 193 -2.27 -9.89 8.25
C LYS A 193 -2.60 -11.00 9.22
N ALA A 194 -3.01 -10.61 10.43
CA ALA A 194 -3.45 -11.53 11.46
C ALA A 194 -4.95 -11.72 11.34
N MET A 195 -5.38 -12.99 11.26
CA MET A 195 -6.78 -13.30 11.02
C MET A 195 -7.31 -14.24 12.10
N ASN A 196 -8.60 -14.08 12.40
CA ASN A 196 -9.42 -15.03 13.15
C ASN A 196 -10.50 -15.51 12.20
N GLY A 197 -10.14 -16.44 11.32
CA GLY A 197 -11.02 -16.83 10.25
C GLY A 197 -11.13 -15.75 9.19
N SER A 198 -12.31 -15.13 9.11
CA SER A 198 -12.53 -14.07 8.13
C SER A 198 -12.03 -12.71 8.62
N ARG A 199 -12.18 -12.44 9.92
CA ARG A 199 -11.80 -11.13 10.44
C ARG A 199 -10.30 -10.91 10.35
N ILE A 200 -9.92 -9.65 10.13
CA ILE A 200 -8.52 -9.22 10.12
C ILE A 200 -8.34 -8.27 11.30
N CYS A 201 -7.69 -8.74 12.36
CA CYS A 201 -7.47 -7.88 13.53
C CYS A 201 -6.50 -6.75 13.20
N GLY A 202 -5.49 -7.04 12.39
CA GLY A 202 -4.45 -6.08 12.08
C GLY A 202 -3.46 -6.69 11.12
N PHE A 203 -2.37 -5.96 10.89
CA PHE A 203 -1.37 -6.39 9.93
C PHE A 203 0.02 -5.96 10.40
N LYS A 204 1.03 -6.64 9.89
CA LYS A 204 2.43 -6.27 10.07
C LYS A 204 2.96 -5.79 8.72
N ASP A 205 3.57 -4.61 8.73
CA ASP A 205 4.08 -4.01 7.51
C ASP A 205 5.32 -4.77 7.03
N GLU A 206 6.05 -4.15 6.09
CA GLU A 206 7.19 -4.83 5.49
C GLU A 206 8.33 -5.01 6.49
N ARG A 207 8.56 -4.02 7.34
CA ARG A 207 9.63 -4.10 8.32
C ARG A 207 9.15 -4.62 9.66
N GLY A 208 7.96 -5.21 9.71
CA GLY A 208 7.54 -6.02 10.83
C GLY A 208 6.70 -5.34 11.89
N PHE A 209 6.51 -4.03 11.80
CA PHE A 209 5.70 -3.34 12.79
C PHE A 209 4.25 -3.76 12.66
N TYR A 210 3.62 -4.12 13.78
CA TYR A 210 2.23 -4.52 13.79
C TYR A 210 1.35 -3.33 14.11
N ARG A 211 0.42 -3.04 13.21
CA ARG A 211 -0.65 -2.08 13.42
C ARG A 211 -1.97 -2.81 13.56
N SER A 212 -2.76 -2.41 14.55
CA SER A 212 -4.12 -2.91 14.69
C SER A 212 -5.09 -2.00 13.95
N LEU A 213 -6.18 -2.59 13.46
CA LEU A 213 -7.18 -1.83 12.72
C LEU A 213 -8.23 -1.20 13.64
N LYS A 214 -8.14 -1.40 14.96
CA LYS A 214 -9.04 -0.73 15.88
C LYS A 214 -8.78 0.76 15.85
N GLY A 215 -9.78 1.52 15.43
CA GLY A 215 -9.62 2.95 15.24
C GLY A 215 -9.30 3.35 13.82
N ALA A 216 -9.22 2.40 12.89
CA ALA A 216 -8.90 2.69 11.50
C ALA A 216 -10.15 3.09 10.74
N CYS A 217 -9.96 3.99 9.78
CA CYS A 217 -11.03 4.56 8.96
C CYS A 217 -10.79 4.18 7.49
N LYS A 218 -11.54 4.83 6.60
CA LYS A 218 -11.31 4.72 5.17
C LYS A 218 -10.92 6.09 4.63
N LEU A 219 -9.94 6.12 3.74
CA LEU A 219 -9.47 7.38 3.17
C LEU A 219 -8.83 7.10 1.82
N THR A 220 -9.38 7.72 0.77
CA THR A 220 -8.95 7.45 -0.61
C THR A 220 -7.98 8.53 -1.05
N LEU A 221 -6.69 8.28 -0.87
CA LEU A 221 -5.65 9.19 -1.35
C LEU A 221 -5.42 8.98 -2.83
N CYS A 222 -5.55 10.05 -3.61
CA CYS A 222 -5.24 10.05 -5.04
C CYS A 222 -5.98 8.88 -5.72
N GLY A 223 -7.31 8.95 -5.65
CA GLY A 223 -8.18 8.01 -6.35
C GLY A 223 -7.90 6.55 -6.11
N ARG A 224 -7.32 6.20 -4.97
CA ARG A 224 -7.08 4.80 -4.63
C ARG A 224 -7.74 4.54 -3.28
N PRO A 225 -8.69 3.61 -3.20
CA PRO A 225 -9.29 3.29 -1.89
C PRO A 225 -8.25 2.73 -0.93
N GLY A 226 -8.14 3.37 0.24
CA GLY A 226 -7.22 2.94 1.27
C GLY A 226 -7.82 3.17 2.64
N ILE A 227 -7.03 2.87 3.67
CA ILE A 227 -7.46 3.01 5.06
C ILE A 227 -6.38 3.78 5.82
N ARG A 228 -6.81 4.62 6.75
CA ARG A 228 -5.91 5.37 7.60
C ARG A 228 -5.90 4.73 8.99
N LEU A 229 -4.75 4.21 9.40
CA LEU A 229 -4.65 3.56 10.69
C LEU A 229 -4.80 4.57 11.82
N PHE A 230 -4.79 4.06 13.05
CA PHE A 230 -5.01 4.92 14.21
C PHE A 230 -3.84 5.87 14.44
N ASP A 231 -2.61 5.41 14.21
CA ASP A 231 -1.45 6.27 14.41
C ASP A 231 -1.30 7.30 13.30
N GLY A 232 -1.94 7.09 12.16
CA GLY A 232 -1.87 8.01 11.05
C GLY A 232 -1.23 7.47 9.78
N THR A 233 -0.80 6.21 9.73
CA THR A 233 -0.23 5.73 8.48
C THR A 233 -1.33 5.32 7.51
N TRP A 234 -0.96 5.14 6.26
CA TRP A 234 -1.90 4.87 5.18
C TRP A 234 -1.43 3.68 4.37
N VAL A 235 -2.25 2.63 4.32
CA VAL A 235 -2.00 1.46 3.51
C VAL A 235 -3.26 1.16 2.71
N SER A 236 -3.15 0.22 1.77
CA SER A 236 -4.27 -0.14 0.93
C SER A 236 -4.12 -1.58 0.49
N PHE A 237 -5.03 -2.45 0.95
CA PHE A 237 -5.07 -3.85 0.55
C PHE A 237 -6.51 -4.26 0.36
N THR A 238 -6.70 -5.47 -0.18
CA THR A 238 -8.04 -5.91 -0.54
C THR A 238 -8.85 -6.28 0.70
N LYS A 239 -10.07 -5.74 0.78
CA LYS A 239 -11.07 -6.07 1.79
C LYS A 239 -10.53 -5.97 3.21
N PRO A 240 -10.28 -4.76 3.72
CA PRO A 240 -9.85 -4.62 5.12
C PRO A 240 -11.00 -4.70 6.12
N ASP A 241 -12.24 -4.68 5.65
CA ASP A 241 -13.42 -4.65 6.51
C ASP A 241 -13.34 -3.50 7.52
N VAL A 242 -13.38 -2.29 6.96
CA VAL A 242 -13.43 -1.05 7.72
C VAL A 242 -14.79 -0.43 7.45
N HIS A 243 -15.29 0.34 8.42
CA HIS A 243 -16.64 0.86 8.34
C HIS A 243 -16.71 2.39 8.42
N VAL A 244 -15.97 3.02 9.34
CA VAL A 244 -15.92 4.48 9.41
C VAL A 244 -15.25 5.03 8.15
N TRP A 245 -15.34 6.35 7.93
CA TRP A 245 -14.98 6.93 6.65
C TRP A 245 -14.08 8.17 6.74
N CYS A 246 -13.63 8.54 7.94
CA CYS A 246 -12.61 9.58 8.13
C CYS A 246 -12.71 11.07 7.83
N THR A 247 -13.42 11.78 8.71
CA THR A 247 -13.68 13.19 8.44
C THR A 247 -12.44 13.80 7.75
N PRO A 248 -12.64 14.59 6.70
CA PRO A 248 -11.49 14.94 5.85
C PRO A 248 -10.41 15.72 6.56
N ASN A 249 -10.72 16.35 7.70
CA ASN A 249 -9.69 17.06 8.47
C ASN A 249 -8.67 16.12 9.10
N GLN A 250 -8.87 14.81 9.05
CA GLN A 250 -7.87 13.86 9.50
C GLN A 250 -6.82 13.64 8.41
N LEU A 251 -5.56 13.48 8.82
CA LEU A 251 -4.43 13.45 7.93
C LEU A 251 -3.63 12.16 8.09
N ILE A 252 -2.93 11.78 7.03
CA ILE A 252 -2.01 10.67 7.05
C ILE A 252 -0.59 11.22 7.18
N ASN A 253 0.38 10.31 7.36
CA ASN A 253 1.76 10.70 7.66
C ASN A 253 2.69 10.39 6.49
N ILE A 254 3.89 10.99 6.55
CA ILE A 254 4.92 10.69 5.55
C ILE A 254 5.44 9.28 5.74
N HIS A 255 5.90 8.69 4.65
CA HIS A 255 6.65 7.44 4.68
C HIS A 255 8.07 7.75 4.22
N ASN A 256 8.94 8.04 5.19
CA ASN A 256 10.36 8.22 4.94
C ASN A 256 11.14 7.03 5.50
N ASP A 257 12.40 6.92 5.08
CA ASP A 257 13.22 5.79 5.49
C ASP A 257 13.62 5.83 6.95
N ARG A 258 13.59 7.01 7.58
CA ARG A 258 13.84 7.06 9.02
C ARG A 258 12.70 6.38 9.78
N LEU A 259 11.45 6.61 9.35
CA LEU A 259 10.33 5.86 9.88
C LEU A 259 10.60 4.36 9.82
N ASP A 260 11.02 3.88 8.65
CA ASP A 260 11.28 2.46 8.48
C ASP A 260 12.37 1.97 9.44
N GLU A 261 13.47 2.72 9.53
CA GLU A 261 14.59 2.30 10.38
C GLU A 261 14.18 2.24 11.85
N ILE A 262 13.45 3.26 12.33
CA ILE A 262 13.05 3.27 13.74
C ILE A 262 12.03 2.16 14.01
N GLU A 263 11.11 1.95 13.09
CA GLU A 263 10.15 0.86 13.24
C GLU A 263 10.86 -0.48 13.36
N HIS A 264 11.75 -0.78 12.39
CA HIS A 264 12.50 -2.03 12.45
C HIS A 264 13.30 -2.14 13.74
N LEU A 265 13.79 -1.01 14.25
CA LEU A 265 14.53 -1.05 15.52
C LEU A 265 13.61 -1.39 16.69
N ILE A 266 12.35 -0.97 16.66
CA ILE A 266 11.43 -1.36 17.72
C ILE A 266 11.04 -2.82 17.61
N VAL A 267 10.80 -3.29 16.38
CA VAL A 267 10.58 -4.71 16.12
C VAL A 267 11.69 -5.55 16.75
N GLU A 268 12.94 -5.24 16.38
CA GLU A 268 14.07 -6.01 16.87
C GLU A 268 14.25 -5.85 18.38
N ASP A 269 13.93 -4.68 18.93
CA ASP A 269 14.01 -4.52 20.38
C ASP A 269 13.03 -5.45 21.10
N ILE A 270 11.83 -5.62 20.54
CA ILE A 270 10.85 -6.52 21.16
C ILE A 270 11.31 -7.97 21.07
N ILE A 271 11.69 -8.40 19.86
CA ILE A 271 12.20 -9.77 19.71
C ILE A 271 13.39 -9.99 20.64
N LYS A 272 14.19 -8.96 20.86
CA LYS A 272 15.30 -9.06 21.80
C LYS A 272 14.80 -9.22 23.24
N LYS A 273 13.67 -8.57 23.57
CA LYS A 273 13.05 -8.80 24.88
C LYS A 273 12.74 -10.28 25.07
N ARG A 274 12.03 -10.87 24.11
CA ARG A 274 11.65 -12.27 24.28
C ARG A 274 12.87 -13.19 24.29
N GLU A 275 13.89 -12.89 23.48
CA GLU A 275 15.08 -13.74 23.47
C GLU A 275 15.85 -13.63 24.79
N GLU A 276 15.90 -12.45 25.39
CA GLU A 276 16.50 -12.32 26.71
C GLU A 276 15.73 -13.13 27.74
N CYS A 277 14.39 -13.10 27.67
CA CYS A 277 13.59 -13.92 28.59
C CYS A 277 13.91 -15.41 28.40
N LEU A 278 13.85 -15.88 27.16
CA LEU A 278 14.15 -17.28 26.88
C LEU A 278 15.53 -17.67 27.39
N ASP A 279 16.52 -16.77 27.24
CA ASP A 279 17.85 -17.05 27.77
C ASP A 279 17.80 -17.18 29.28
N THR A 280 17.07 -16.29 29.95
CA THR A 280 16.95 -16.36 31.40
C THR A 280 16.37 -17.70 31.85
N LEU A 281 15.25 -18.12 31.23
CA LEU A 281 14.65 -19.41 31.59
C LEU A 281 15.60 -20.56 31.31
N GLU A 282 16.27 -20.53 30.16
CA GLU A 282 17.22 -21.60 29.83
C GLU A 282 18.32 -21.70 30.87
N THR A 283 18.72 -20.57 31.46
CA THR A 283 19.71 -20.62 32.54
C THR A 283 19.09 -21.10 33.85
N ILE A 284 17.82 -20.75 34.10
CA ILE A 284 17.17 -21.18 35.33
C ILE A 284 17.01 -22.70 35.36
N LEU A 285 16.70 -23.30 34.21
CA LEU A 285 16.59 -24.75 34.16
C LEU A 285 17.90 -25.42 34.53
N MET A 286 18.96 -25.16 33.76
CA MET A 286 20.25 -25.79 34.01
C MET A 286 20.94 -25.30 35.27
N SER A 287 20.36 -24.33 35.98
CA SER A 287 20.92 -23.87 37.24
C SER A 287 20.12 -24.28 38.48
N GLN A 288 18.85 -24.66 38.31
CA GLN A 288 17.97 -24.98 39.43
C GLN A 288 17.98 -23.87 40.48
N SER A 289 18.04 -22.63 40.00
CA SER A 289 18.09 -21.45 40.87
C SER A 289 17.67 -20.25 40.04
N VAL A 290 17.02 -19.29 40.69
CA VAL A 290 16.44 -18.14 40.02
C VAL A 290 16.62 -16.90 40.88
N SER A 291 17.17 -15.84 40.29
CA SER A 291 17.32 -14.56 40.98
C SER A 291 16.03 -13.75 40.83
N PHE A 292 15.68 -13.04 41.90
CA PHE A 292 14.41 -12.30 41.91
C PHE A 292 14.40 -11.22 40.84
N ARG A 293 15.52 -10.52 40.65
CA ARG A 293 15.55 -9.46 39.66
C ARG A 293 15.35 -10.01 38.25
N ARG A 294 15.86 -11.22 37.99
CA ARG A 294 15.61 -11.88 36.71
C ARG A 294 14.12 -12.08 36.45
N LEU A 295 13.31 -12.13 37.50
CA LEU A 295 11.86 -12.25 37.33
C LEU A 295 11.29 -11.10 36.51
N SER A 296 11.97 -9.96 36.47
CA SER A 296 11.48 -8.85 35.65
C SER A 296 11.39 -9.22 34.17
N HIS A 297 12.11 -10.26 33.74
CA HIS A 297 12.05 -10.73 32.36
C HIS A 297 10.77 -11.46 32.03
N PHE A 298 9.99 -11.88 33.03
CA PHE A 298 8.80 -12.67 32.77
C PHE A 298 7.52 -11.84 32.80
N ARG A 299 7.64 -10.52 32.83
CA ARG A 299 6.48 -9.65 32.72
C ARG A 299 5.93 -9.69 31.30
N LYS A 300 4.61 -9.73 31.17
CA LYS A 300 3.98 -9.62 29.87
C LYS A 300 4.02 -8.16 29.42
N LEU A 301 4.48 -7.92 28.20
CA LEU A 301 4.72 -6.54 27.78
C LEU A 301 3.46 -5.81 27.35
N VAL A 302 2.37 -6.52 27.09
CA VAL A 302 1.14 -5.91 26.61
C VAL A 302 0.04 -6.17 27.63
N PRO A 303 -1.00 -5.34 27.68
CA PRO A 303 -2.08 -5.58 28.65
C PRO A 303 -2.88 -6.82 28.28
N GLY A 304 -3.20 -7.62 29.29
CA GLY A 304 -3.90 -8.87 29.06
C GLY A 304 -3.74 -9.78 30.25
N TYR A 305 -4.46 -10.91 30.19
CA TYR A 305 -4.40 -11.90 31.25
C TYR A 305 -3.06 -12.63 31.20
N GLY A 306 -2.36 -12.66 32.33
CA GLY A 306 -1.10 -13.37 32.41
C GLY A 306 -0.80 -13.83 33.82
N LYS A 307 0.48 -13.98 34.11
CA LYS A 307 0.96 -14.46 35.39
C LYS A 307 1.90 -13.43 36.02
N ALA A 308 2.00 -13.49 37.35
CA ALA A 308 2.95 -12.69 38.13
C ALA A 308 3.76 -13.62 39.02
N TYR A 309 5.03 -13.26 39.23
CA TYR A 309 5.96 -14.11 39.96
C TYR A 309 6.69 -13.31 41.03
N THR A 310 7.09 -14.02 42.09
CA THR A 310 7.79 -13.41 43.22
C THR A 310 8.60 -14.49 43.91
N ILE A 311 9.66 -14.09 44.60
CA ILE A 311 10.43 -14.98 45.46
C ILE A 311 10.15 -14.57 46.89
N LEU A 312 9.28 -15.32 47.56
CA LEU A 312 8.90 -15.05 48.94
C LEU A 312 9.08 -16.32 49.76
N ASN A 313 9.42 -16.13 51.04
CA ASN A 313 9.66 -17.24 51.96
C ASN A 313 10.73 -18.20 51.44
N GLY A 314 11.60 -17.72 50.56
CA GLY A 314 12.63 -18.54 49.95
C GLY A 314 12.17 -19.41 48.79
N SER A 315 10.96 -19.21 48.29
CA SER A 315 10.42 -20.03 47.21
C SER A 315 9.84 -19.14 46.12
N LEU A 316 9.60 -19.75 44.96
CA LEU A 316 9.04 -19.06 43.81
C LEU A 316 7.53 -19.24 43.80
N MET A 317 6.80 -18.13 43.75
CA MET A 317 5.35 -18.11 43.80
C MET A 317 4.82 -17.34 42.59
N GLU A 318 3.65 -17.75 42.11
CA GLU A 318 3.02 -17.16 40.94
C GLU A 318 1.55 -16.91 41.24
N THR A 319 0.90 -16.16 40.35
CA THR A 319 -0.54 -15.92 40.43
C THR A 319 -1.07 -15.52 39.07
N ASN A 320 -2.35 -15.83 38.84
CA ASN A 320 -3.06 -15.34 37.68
C ASN A 320 -3.47 -13.88 37.93
N VAL A 321 -3.25 -13.02 36.94
CA VAL A 321 -3.46 -11.58 37.14
C VAL A 321 -3.73 -10.93 35.79
N TYR A 322 -4.31 -9.72 35.82
CA TYR A 322 -4.62 -8.96 34.62
C TYR A 322 -3.67 -7.76 34.54
N TYR A 323 -2.93 -7.67 33.45
CA TYR A 323 -1.99 -6.57 33.21
C TYR A 323 -2.72 -5.41 32.52
N LYS A 324 -2.66 -4.25 33.15
CA LYS A 324 -3.21 -3.00 32.63
C LYS A 324 -2.07 -2.04 32.27
N ARG A 325 -2.37 -1.12 31.36
CA ARG A 325 -1.39 -0.24 30.75
C ARG A 325 -0.74 0.70 31.76
N VAL A 326 0.53 1.01 31.51
CA VAL A 326 1.28 2.05 32.20
C VAL A 326 2.13 2.80 31.18
N ASP A 327 1.67 3.97 30.75
CA ASP A 327 2.43 4.78 29.79
C ASP A 327 3.17 5.93 30.46
N LYS A 328 3.02 6.10 31.77
CA LYS A 328 3.76 7.12 32.51
C LYS A 328 4.12 6.54 33.86
N TRP A 329 5.35 6.80 34.31
CA TRP A 329 5.81 6.20 35.55
C TRP A 329 5.05 6.74 36.76
N ALA A 330 4.66 8.02 36.72
CA ALA A 330 4.15 8.68 37.92
C ALA A 330 2.93 7.99 38.50
N ASP A 331 2.11 7.37 37.64
CA ASP A 331 0.87 6.77 38.12
C ASP A 331 1.15 5.62 39.10
N ILE A 332 2.19 4.84 38.85
CA ILE A 332 2.42 3.64 39.67
C ILE A 332 3.11 4.02 40.97
N LEU A 333 3.78 5.15 40.98
CA LEU A 333 4.45 5.57 42.20
C LEU A 333 4.20 7.04 42.46
N PRO A 334 2.89 7.38 42.76
CA PRO A 334 2.69 8.81 43.01
C PRO A 334 3.42 9.27 44.25
N SER A 335 3.38 8.48 45.31
CA SER A 335 4.04 8.83 46.55
C SER A 335 5.37 8.13 46.48
N LYS A 336 6.45 8.87 46.63
CA LYS A 336 7.74 8.22 46.47
C LYS A 336 7.66 6.76 46.91
N GLY A 337 7.41 6.54 48.20
CA GLY A 337 7.52 5.21 48.77
C GLY A 337 6.49 4.19 48.31
N CYS A 338 5.41 4.62 47.66
CA CYS A 338 4.29 3.73 47.41
C CYS A 338 4.23 3.23 45.97
N LEU A 339 3.78 1.98 45.82
CA LEU A 339 3.55 1.35 44.52
C LEU A 339 2.06 1.09 44.38
N LYS A 340 1.39 1.86 43.52
CA LYS A 340 -0.06 1.76 43.39
C LYS A 340 -0.43 0.49 42.64
N VAL A 341 -0.95 -0.50 43.37
CA VAL A 341 -1.52 -1.71 42.79
C VAL A 341 -2.99 -1.73 43.17
N GLY A 342 -3.86 -1.44 42.19
CA GLY A 342 -5.26 -1.29 42.49
C GLY A 342 -5.56 0.08 43.05
N GLN A 343 -6.43 0.16 44.05
CA GLN A 343 -6.74 1.46 44.65
C GLN A 343 -5.65 1.89 45.64
N GLN A 344 -5.32 1.02 46.59
CA GLN A 344 -4.35 1.33 47.61
C GLN A 344 -2.98 0.74 47.26
N CYS A 345 -1.95 1.24 47.94
CA CYS A 345 -0.61 0.71 47.81
C CYS A 345 -0.51 -0.66 48.46
N MET A 346 0.33 -1.51 47.89
CA MET A 346 0.56 -2.84 48.43
C MET A 346 1.86 -2.87 49.23
N GLU A 347 1.93 -3.81 50.15
CA GLU A 347 3.00 -3.88 51.14
C GLU A 347 4.15 -4.72 50.62
N PRO A 348 5.37 -4.19 50.58
CA PRO A 348 6.55 -5.01 50.30
C PRO A 348 7.09 -5.65 51.58
N VAL A 349 7.77 -6.79 51.40
CA VAL A 349 8.24 -7.59 52.53
C VAL A 349 9.66 -8.07 52.25
N LYS A 350 10.56 -7.80 53.22
CA LYS A 350 11.90 -8.40 53.27
C LYS A 350 12.79 -7.99 52.10
N GLY A 351 12.58 -6.79 51.56
CA GLY A 351 13.39 -6.31 50.46
C GLY A 351 13.00 -6.81 49.09
N VAL A 352 11.76 -7.27 48.92
CA VAL A 352 11.29 -7.82 47.67
C VAL A 352 9.81 -7.46 47.50
N LEU A 353 9.45 -7.00 46.31
CA LEU A 353 8.05 -6.76 46.00
C LEU A 353 7.50 -7.89 45.13
N PHE A 354 7.67 -7.77 43.81
CA PHE A 354 7.28 -8.79 42.85
C PHE A 354 7.75 -8.36 41.46
N ASN A 355 7.97 -9.36 40.60
CA ASN A 355 8.39 -9.13 39.21
C ASN A 355 9.71 -8.36 39.12
N GLY A 356 10.60 -8.55 40.08
CA GLY A 356 11.88 -7.87 40.06
C GLY A 356 11.88 -6.47 40.62
N ILE A 357 10.73 -5.96 41.04
CA ILE A 357 10.70 -4.65 41.70
C ILE A 357 11.24 -4.80 43.11
N ILE A 358 12.13 -3.89 43.49
CA ILE A 358 12.89 -4.03 44.73
C ILE A 358 12.54 -2.89 45.68
N LYS A 359 12.44 -3.21 46.96
CA LYS A 359 12.61 -2.19 47.99
C LYS A 359 14.08 -1.86 48.11
N GLY A 360 14.41 -0.58 47.96
CA GLY A 360 15.77 -0.13 48.01
C GLY A 360 16.39 -0.34 49.38
N PRO A 361 17.67 -0.71 49.38
CA PRO A 361 18.32 -1.05 50.66
C PRO A 361 18.25 0.05 51.71
N ASP A 362 18.68 1.26 51.37
CA ASP A 362 18.69 2.34 52.36
C ASP A 362 18.56 3.67 51.62
N GLY A 363 17.77 4.57 52.21
CA GLY A 363 17.40 5.81 51.55
C GLY A 363 16.89 5.61 50.15
N GLN A 364 16.29 4.45 49.86
CA GLN A 364 15.82 4.13 48.51
C GLN A 364 14.40 3.59 48.53
N ILE A 365 13.83 3.45 47.33
CA ILE A 365 12.40 3.22 47.14
C ILE A 365 12.21 2.23 45.98
N LEU A 366 10.97 1.74 45.82
CA LEU A 366 10.59 0.83 44.76
C LEU A 366 11.22 1.21 43.44
N ILE A 367 12.01 0.30 42.90
CA ILE A 367 12.82 0.54 41.73
C ILE A 367 12.44 -0.50 40.68
N PRO A 368 11.51 -0.19 39.77
CA PRO A 368 11.31 -1.02 38.60
C PRO A 368 12.49 -0.84 37.65
N GLU A 369 12.57 -1.70 36.63
CA GLU A 369 13.65 -1.56 35.65
C GLU A 369 13.43 -0.39 34.71
N MET A 370 13.42 0.82 35.26
CA MET A 370 13.35 2.03 34.46
C MET A 370 14.73 2.51 34.01
N GLN A 371 15.78 1.73 34.26
CA GLN A 371 17.12 2.05 33.79
C GLN A 371 17.40 1.50 32.40
N SER A 372 16.63 0.50 31.96
CA SER A 372 16.79 -0.08 30.62
C SER A 372 16.57 0.99 29.56
N GLU A 373 15.33 1.47 29.45
CA GLU A 373 14.93 2.58 28.59
C GLU A 373 15.62 2.52 27.22
N GLN A 374 15.28 1.49 26.46
CA GLN A 374 15.69 1.39 25.06
C GLN A 374 14.52 1.29 24.12
N LEU A 375 13.46 0.57 24.50
CA LEU A 375 12.24 0.58 23.71
C LEU A 375 11.59 1.96 23.75
N LYS A 376 11.54 2.57 24.95
CA LYS A 376 10.94 3.89 25.08
C LYS A 376 11.73 4.94 24.30
N GLN A 377 13.05 4.79 24.22
CA GLN A 377 13.86 5.70 23.40
C GLN A 377 13.45 5.62 21.94
N HIS A 378 13.34 4.39 21.41
CA HIS A 378 13.02 4.23 20.00
C HIS A 378 11.58 4.61 19.70
N MET A 379 10.69 4.49 20.68
CA MET A 379 9.31 4.93 20.48
C MET A 379 9.18 6.45 20.60
N ASP A 380 10.03 7.11 21.39
CA ASP A 380 10.06 8.57 21.36
C ASP A 380 10.61 9.07 20.02
N LEU A 381 11.72 8.47 19.58
CA LEU A 381 12.24 8.77 18.25
C LEU A 381 11.20 8.53 17.16
N LEU A 382 10.37 7.52 17.31
CA LEU A 382 9.34 7.26 16.30
C LEU A 382 8.23 8.31 16.39
N LYS A 383 7.79 8.61 17.61
CA LYS A 383 6.66 9.54 17.76
C LYS A 383 7.04 10.96 17.34
N ALA A 384 8.32 11.32 17.46
CA ALA A 384 8.76 12.64 17.01
C ALA A 384 9.00 12.68 15.50
N ALA A 385 9.42 11.57 14.90
CA ALA A 385 9.83 11.56 13.50
C ALA A 385 8.65 11.41 12.54
N VAL A 386 7.41 11.48 13.01
CA VAL A 386 6.25 11.43 12.12
C VAL A 386 5.79 12.85 11.84
N PHE A 387 5.37 13.09 10.61
CA PHE A 387 4.87 14.39 10.22
C PHE A 387 3.64 14.15 9.33
N PRO A 388 2.51 14.80 9.62
CA PRO A 388 1.33 14.65 8.79
C PRO A 388 1.44 15.43 7.49
N LEU A 389 0.65 14.99 6.51
CA LEU A 389 0.59 15.60 5.18
C LEU A 389 -0.61 16.53 5.13
N ARG A 390 -0.37 17.83 5.24
CA ARG A 390 -1.47 18.78 5.25
C ARG A 390 -1.85 19.18 3.83
N HIS A 391 -2.96 19.91 3.72
CA HIS A 391 -3.51 20.30 2.44
C HIS A 391 -2.86 21.58 1.93
N PRO A 392 -2.95 21.85 0.64
CA PRO A 392 -2.55 23.16 0.14
C PRO A 392 -3.47 24.25 0.70
N LEU A 393 -3.06 25.48 0.44
CA LEU A 393 -3.89 26.64 0.72
C LEU A 393 -4.76 26.92 -0.49
N ILE A 394 -6.00 27.34 -0.24
CA ILE A 394 -6.90 27.78 -1.30
C ILE A 394 -6.73 29.29 -1.45
N SER A 395 -6.31 29.73 -2.63
CA SER A 395 -6.09 31.14 -2.92
C SER A 395 -6.97 31.56 -4.10
N ARG A 396 -7.79 32.58 -3.88
CA ARG A 396 -8.71 33.09 -4.88
C ARG A 396 -8.38 34.54 -5.18
N GLU A 397 -9.29 35.26 -5.83
CA GLU A 397 -9.12 36.69 -6.04
C GLU A 397 -10.39 37.46 -5.68
N GLU B 1 25.66 -15.60 -9.78
CA GLU B 1 27.07 -15.73 -10.13
C GLU B 1 27.26 -16.66 -11.33
N PHE B 2 28.43 -16.58 -11.94
CA PHE B 2 28.75 -17.49 -13.05
C PHE B 2 28.86 -18.92 -12.55
N PRO B 3 28.26 -19.88 -13.23
CA PRO B 3 28.47 -21.29 -12.90
C PRO B 3 29.81 -21.78 -13.46
N LEU B 4 30.13 -23.04 -13.14
CA LEU B 4 31.36 -23.64 -13.66
C LEU B 4 31.20 -24.01 -15.14
N TYR B 5 30.16 -24.78 -15.45
CA TYR B 5 29.83 -25.16 -16.83
C TYR B 5 28.33 -24.98 -17.03
N THR B 6 27.90 -25.01 -18.28
CA THR B 6 26.49 -24.87 -18.62
C THR B 6 26.08 -25.99 -19.58
N ILE B 7 25.08 -26.79 -19.19
CA ILE B 7 24.64 -27.88 -20.06
C ILE B 7 23.23 -27.59 -20.56
N PRO B 8 22.93 -27.84 -21.83
CA PRO B 8 21.56 -27.65 -22.31
C PRO B 8 20.66 -28.78 -21.83
N GLU B 9 19.37 -28.50 -21.79
CA GLU B 9 18.38 -29.54 -21.52
C GLU B 9 17.57 -29.81 -22.78
N LYS B 10 17.28 -31.10 -23.00
CA LYS B 10 16.47 -31.62 -24.11
C LYS B 10 16.85 -31.00 -25.45
N ILE B 11 17.93 -31.50 -26.04
CA ILE B 11 18.34 -31.19 -27.41
C ILE B 11 17.17 -31.41 -28.36
N GLU B 12 16.75 -30.35 -29.04
CA GLU B 12 15.51 -30.40 -29.83
C GLU B 12 15.72 -31.03 -31.20
N LYS B 13 16.60 -30.44 -32.02
CA LYS B 13 16.72 -30.84 -33.41
C LYS B 13 18.01 -30.25 -33.96
N TRP B 14 18.45 -30.78 -35.10
CA TRP B 14 19.64 -30.27 -35.78
C TRP B 14 19.28 -29.69 -37.13
N THR B 15 19.56 -28.40 -37.30
CA THR B 15 19.30 -27.66 -38.53
C THR B 15 20.61 -27.13 -39.09
N PRO B 16 20.94 -27.42 -40.35
CA PRO B 16 22.20 -26.93 -40.91
C PRO B 16 22.16 -25.44 -41.15
N ILE B 17 23.24 -24.76 -40.74
CA ILE B 17 23.33 -23.31 -40.83
C ILE B 17 24.62 -22.92 -41.55
N ASP B 18 24.66 -21.66 -41.99
CA ASP B 18 25.87 -21.07 -42.53
C ASP B 18 26.86 -20.73 -41.42
N MET B 19 28.14 -20.63 -41.80
CA MET B 19 29.17 -20.31 -40.82
C MET B 19 29.05 -18.87 -40.33
N ILE B 20 28.74 -17.94 -41.23
CA ILE B 20 28.62 -16.54 -40.84
C ILE B 20 27.41 -16.31 -39.92
N HIS B 21 26.48 -17.26 -39.87
CA HIS B 21 25.33 -17.14 -38.97
C HIS B 21 25.70 -17.41 -37.52
N LEU B 22 26.95 -17.78 -37.24
CA LEU B 22 27.42 -17.94 -35.86
C LEU B 22 27.40 -16.61 -35.12
N SER B 23 27.30 -16.68 -33.80
CA SER B 23 27.20 -15.51 -32.95
C SER B 23 27.75 -15.82 -31.57
N CYS B 24 28.65 -14.97 -31.07
CA CYS B 24 29.18 -15.20 -29.73
C CYS B 24 28.15 -14.79 -28.67
N PRO B 25 28.02 -15.56 -27.59
CA PRO B 25 26.96 -15.31 -26.60
C PRO B 25 27.00 -13.94 -25.94
N ASN B 26 28.17 -13.30 -25.82
CA ASN B 26 28.34 -12.00 -25.14
C ASN B 26 27.72 -12.00 -23.74
N ASN B 27 28.06 -13.03 -22.98
CA ASN B 27 27.43 -13.34 -21.70
C ASN B 27 27.41 -12.16 -20.75
N LEU B 28 26.19 -11.69 -20.44
CA LEU B 28 25.95 -10.65 -19.45
C LEU B 28 24.83 -11.12 -18.54
N LEU B 29 25.12 -11.20 -17.24
CA LEU B 29 24.06 -11.51 -16.28
C LEU B 29 23.02 -10.39 -16.22
N SER B 30 23.42 -9.17 -16.58
CA SER B 30 22.50 -8.04 -16.60
C SER B 30 21.32 -8.31 -17.51
N GLU B 31 21.58 -8.61 -18.78
CA GLU B 31 20.50 -8.82 -19.73
C GLU B 31 19.83 -10.17 -19.57
N GLU B 32 20.46 -11.11 -18.86
CA GLU B 32 19.76 -12.35 -18.51
C GLU B 32 18.70 -12.12 -17.45
N GLU B 33 18.74 -10.99 -16.75
CA GLU B 33 17.68 -10.60 -15.83
C GLU B 33 16.78 -9.54 -16.43
N GLY B 34 16.98 -9.17 -17.68
CA GLY B 34 16.16 -8.18 -18.34
C GLY B 34 16.47 -6.76 -17.96
N CYS B 35 17.74 -6.45 -17.71
CA CYS B 35 18.19 -5.10 -17.35
C CYS B 35 19.28 -4.70 -18.34
N ASN B 36 18.91 -3.92 -19.35
CA ASN B 36 19.86 -3.49 -20.38
C ASN B 36 20.45 -2.11 -20.13
N ALA B 37 19.81 -1.28 -19.30
CA ALA B 37 20.38 0.01 -18.98
C ALA B 37 21.51 -0.13 -17.97
N GLU B 38 22.41 0.84 -17.96
CA GLU B 38 23.51 0.85 -17.02
C GLU B 38 23.89 2.29 -16.71
N SER B 39 23.78 2.67 -15.44
CA SER B 39 24.14 4.00 -14.99
C SER B 39 25.41 3.92 -14.14
N SER B 40 26.08 5.06 -14.03
CA SER B 40 27.24 5.20 -13.14
C SER B 40 26.75 5.78 -11.83
N PHE B 41 27.14 5.16 -10.72
CA PHE B 41 26.79 5.69 -9.40
C PHE B 41 28.01 5.58 -8.50
N THR B 42 27.83 6.01 -7.25
CA THR B 42 28.87 5.89 -6.23
C THR B 42 28.27 5.18 -5.02
N TYR B 43 28.74 3.97 -4.76
CA TYR B 43 28.32 3.25 -3.57
C TYR B 43 29.34 3.49 -2.46
N PHE B 44 29.13 2.81 -1.33
CA PHE B 44 30.05 2.87 -0.20
C PHE B 44 30.55 1.46 0.09
N GLU B 45 31.87 1.30 0.08
CA GLU B 45 32.46 0.03 0.48
C GLU B 45 32.55 0.00 2.00
N LEU B 46 33.07 -1.09 2.52
CA LEU B 46 33.71 -1.08 3.81
C LEU B 46 35.19 -0.81 3.56
N LYS B 47 35.76 0.18 4.25
CA LYS B 47 37.14 0.56 4.00
C LYS B 47 38.05 -0.67 4.01
N SER B 48 38.93 -0.75 3.02
CA SER B 48 39.69 -1.96 2.76
C SER B 48 40.47 -2.43 3.98
N GLY B 49 40.45 -3.74 4.22
CA GLY B 49 41.19 -4.33 5.32
C GLY B 49 40.64 -4.10 6.70
N TYR B 50 39.38 -3.76 6.84
CA TYR B 50 38.88 -3.36 8.15
C TYR B 50 38.34 -4.55 8.94
N LEU B 51 38.18 -4.33 10.24
CA LEU B 51 37.64 -5.30 11.17
C LEU B 51 36.35 -4.74 11.77
N ALA B 52 35.63 -5.62 12.48
CA ALA B 52 34.47 -5.20 13.25
C ALA B 52 34.85 -4.77 14.66
N HIS B 53 36.13 -4.80 15.01
CA HIS B 53 36.61 -4.43 16.34
C HIS B 53 37.13 -2.99 16.27
N GLN B 54 36.19 -2.05 16.28
CA GLN B 54 36.57 -0.64 16.31
C GLN B 54 37.02 -0.24 17.71
N LYS B 55 37.94 0.72 17.76
CA LYS B 55 38.55 1.11 19.04
C LYS B 55 37.49 1.65 19.99
N VAL B 56 37.67 1.34 21.28
CA VAL B 56 36.68 1.66 22.31
C VAL B 56 36.56 3.17 22.50
N PRO B 57 37.68 3.91 22.58
CA PRO B 57 37.64 5.38 22.71
C PRO B 57 38.96 6.03 22.33
N GLU B 135 35.61 -1.81 22.85
CA GLU B 135 35.21 -2.43 21.59
C GLU B 135 33.76 -2.08 21.24
N MET B 136 33.53 -1.73 19.97
CA MET B 136 32.21 -1.34 19.48
C MET B 136 31.80 -2.27 18.35
N ASP B 137 30.53 -2.64 18.34
CA ASP B 137 29.97 -3.40 17.23
C ASP B 137 29.61 -2.45 16.10
N ILE B 138 30.13 -2.74 14.90
CA ILE B 138 29.77 -1.93 13.75
C ILE B 138 28.36 -2.24 13.28
N TYR B 139 27.77 -3.33 13.76
CA TYR B 139 26.42 -3.72 13.35
C TYR B 139 25.37 -2.85 14.03
N GLY B 140 25.31 -2.90 15.35
CA GLY B 140 24.29 -2.20 16.09
C GLY B 140 24.77 -0.94 16.81
N ARG B 141 26.04 -0.58 16.61
CA ARG B 141 26.66 0.52 17.34
C ARG B 141 26.61 0.26 18.84
N THR B 142 26.85 -0.99 19.21
CA THR B 142 26.81 -1.44 20.60
C THR B 142 28.23 -1.47 21.18
N LEU B 143 28.36 -0.98 22.41
CA LEU B 143 29.65 -0.91 23.08
C LEU B 143 29.84 -2.12 24.00
N HIS B 144 31.06 -2.65 24.01
CA HIS B 144 31.40 -3.84 24.80
C HIS B 144 32.63 -3.56 25.65
N SER B 145 32.52 -3.80 26.98
CA SER B 145 33.62 -3.71 27.93
C SER B 145 33.14 -4.14 29.32
N PRO B 146 34.01 -4.72 30.15
CA PRO B 146 33.59 -5.05 31.53
C PRO B 146 33.27 -3.83 32.38
N MET B 147 33.64 -2.62 31.95
CA MET B 147 33.33 -1.43 32.71
C MET B 147 31.83 -1.11 32.67
N PHE B 148 31.15 -1.54 31.61
CA PHE B 148 29.74 -1.20 31.41
C PHE B 148 28.86 -2.01 32.37
N PRO B 149 27.64 -1.53 32.63
CA PRO B 149 26.68 -2.34 33.40
C PRO B 149 26.28 -3.58 32.61
N SER B 150 26.52 -4.75 33.21
CA SER B 150 26.27 -6.04 32.57
C SER B 150 27.10 -6.22 31.31
N GLY B 151 28.26 -5.56 31.25
CA GLY B 151 29.21 -5.74 30.18
C GLY B 151 28.87 -5.09 28.85
N VAL B 152 27.68 -4.55 28.70
CA VAL B 152 27.28 -3.94 27.43
C VAL B 152 26.72 -2.54 27.64
N SER B 178 33.47 12.43 20.82
CA SER B 178 33.00 12.88 19.51
C SER B 178 31.93 11.95 18.96
N LEU B 179 32.26 10.66 18.95
CA LEU B 179 31.45 9.53 18.50
C LEU B 179 31.42 9.40 16.97
N SER B 180 31.91 10.39 16.21
CA SER B 180 31.81 10.35 14.76
C SER B 180 33.10 9.88 14.09
N LEU B 181 34.26 10.07 14.71
CA LEU B 181 35.51 9.64 14.10
C LEU B 181 35.65 8.13 14.07
N VAL B 182 34.89 7.40 14.88
CA VAL B 182 35.06 5.96 14.97
C VAL B 182 34.16 5.21 13.99
N CYS B 183 32.97 5.75 13.71
CA CYS B 183 32.10 5.18 12.67
C CYS B 183 32.38 5.78 11.30
N ASP B 184 33.66 6.00 10.99
CA ASP B 184 34.09 6.43 9.66
C ASP B 184 34.89 5.26 9.08
N ILE B 185 34.17 4.28 8.51
CA ILE B 185 34.80 3.07 8.01
C ILE B 185 34.35 2.75 6.59
N PHE B 186 34.05 3.79 5.81
CA PHE B 186 33.51 3.59 4.46
C PHE B 186 34.21 4.52 3.47
N THR B 187 34.50 3.99 2.29
CA THR B 187 34.93 4.79 1.15
C THR B 187 33.87 4.74 0.05
N SER B 188 33.76 5.83 -0.70
CA SER B 188 32.77 5.96 -1.77
C SER B 188 33.43 5.56 -3.09
N SER B 189 33.01 4.43 -3.65
CA SER B 189 33.59 3.90 -4.88
C SER B 189 32.61 4.05 -6.04
N ASN B 190 33.13 3.90 -7.26
CA ASN B 190 32.36 4.11 -8.47
C ASN B 190 31.89 2.78 -9.03
N GLY B 191 30.60 2.71 -9.38
CA GLY B 191 30.03 1.48 -9.88
C GLY B 191 29.03 1.73 -11.00
N LYS B 192 28.40 0.65 -11.46
CA LYS B 192 27.51 0.70 -12.61
C LYS B 192 26.31 -0.18 -12.33
N LYS B 193 25.13 0.42 -12.17
CA LYS B 193 23.92 -0.35 -11.90
C LYS B 193 23.17 -0.63 -13.19
N ALA B 194 22.62 -1.85 -13.27
CA ALA B 194 21.88 -2.32 -14.43
C ALA B 194 20.39 -2.16 -14.14
N MET B 195 19.67 -1.51 -15.05
CA MET B 195 18.29 -1.14 -14.80
C MET B 195 17.40 -1.50 -15.99
N ASN B 196 16.14 -1.84 -15.66
CA ASN B 196 15.04 -1.89 -16.61
C ASN B 196 14.03 -0.87 -16.13
N GLY B 197 13.95 0.26 -16.83
CA GLY B 197 13.15 1.36 -16.31
C GLY B 197 13.77 1.85 -15.03
N SER B 198 13.03 1.72 -13.93
CA SER B 198 13.51 2.06 -12.60
C SER B 198 13.86 0.84 -11.76
N ARG B 199 13.56 -0.36 -12.23
CA ARG B 199 13.91 -1.56 -11.48
C ARG B 199 15.41 -1.85 -11.61
N ILE B 200 16.06 -2.09 -10.48
CA ILE B 200 17.49 -2.32 -10.42
C ILE B 200 17.74 -3.82 -10.23
N CYS B 201 18.35 -4.46 -11.23
CA CYS B 201 18.62 -5.90 -11.17
C CYS B 201 19.85 -6.21 -10.34
N GLY B 202 20.89 -5.39 -10.46
CA GLY B 202 22.16 -5.64 -9.82
C GLY B 202 23.17 -4.61 -10.29
N PHE B 203 24.37 -4.70 -9.73
CA PHE B 203 25.38 -3.70 -10.03
C PHE B 203 26.73 -4.35 -10.30
N LYS B 204 27.63 -3.55 -10.85
CA LYS B 204 29.04 -3.89 -10.99
C LYS B 204 29.82 -2.91 -10.13
N ASP B 205 30.65 -3.45 -9.25
CA ASP B 205 31.39 -2.64 -8.29
C ASP B 205 32.62 -2.04 -8.99
N GLU B 206 33.52 -1.45 -8.19
CA GLU B 206 34.65 -0.71 -8.72
C GLU B 206 35.60 -1.59 -9.51
N ARG B 207 35.55 -2.90 -9.30
CA ARG B 207 36.42 -3.86 -9.97
C ARG B 207 35.76 -4.52 -11.16
N GLY B 208 34.51 -4.16 -11.46
CA GLY B 208 33.82 -4.68 -12.62
C GLY B 208 33.06 -5.96 -12.35
N PHE B 209 32.99 -6.40 -11.10
CA PHE B 209 32.35 -7.65 -10.74
C PHE B 209 30.85 -7.41 -10.56
N TYR B 210 30.04 -8.12 -11.33
CA TYR B 210 28.60 -7.98 -11.24
C TYR B 210 28.04 -8.88 -10.15
N ARG B 211 27.25 -8.29 -9.26
CA ARG B 211 26.45 -9.01 -8.28
C ARG B 211 24.99 -8.62 -8.50
N SER B 212 24.12 -9.61 -8.38
CA SER B 212 22.70 -9.36 -8.56
C SER B 212 22.06 -9.07 -7.21
N LEU B 213 20.98 -8.30 -7.25
CA LEU B 213 20.26 -7.96 -6.02
C LEU B 213 19.31 -9.05 -5.57
N LYS B 214 19.18 -10.13 -6.34
CA LYS B 214 18.29 -11.21 -5.92
C LYS B 214 18.86 -11.84 -4.65
N GLY B 215 18.03 -11.93 -3.62
CA GLY B 215 18.48 -12.41 -2.33
C GLY B 215 19.14 -11.38 -1.46
N ALA B 216 19.09 -10.10 -1.82
CA ALA B 216 19.68 -9.08 -0.98
C ALA B 216 18.79 -8.81 0.23
N CYS B 217 19.33 -8.05 1.17
CA CYS B 217 18.61 -7.71 2.39
C CYS B 217 19.09 -6.33 2.84
N LYS B 218 18.47 -5.81 3.89
CA LYS B 218 18.75 -4.47 4.38
C LYS B 218 19.49 -4.56 5.72
N LEU B 219 20.66 -3.94 5.78
CA LEU B 219 21.51 -3.95 6.96
C LEU B 219 22.19 -2.59 7.12
N THR B 220 22.20 -2.07 8.34
CA THR B 220 22.76 -0.76 8.62
C THR B 220 23.98 -0.92 9.52
N LEU B 221 25.17 -0.72 8.96
CA LEU B 221 26.41 -0.80 9.71
C LEU B 221 26.81 0.60 10.19
N CYS B 222 27.18 0.70 11.47
CA CYS B 222 27.65 1.95 12.05
C CYS B 222 26.66 3.09 11.84
N GLY B 223 25.37 2.75 11.88
CA GLY B 223 24.32 3.74 11.69
C GLY B 223 24.20 4.24 10.27
N ARG B 224 24.51 3.39 9.29
CA ARG B 224 24.46 3.76 7.87
C ARG B 224 23.58 2.77 7.14
N PRO B 225 22.40 3.12 6.69
CA PRO B 225 21.55 2.20 5.94
C PRO B 225 22.22 1.71 4.66
N GLY B 226 22.36 0.38 4.57
CA GLY B 226 22.98 -0.27 3.43
C GLY B 226 22.28 -1.59 3.19
N ILE B 227 22.81 -2.37 2.24
CA ILE B 227 22.23 -3.67 1.93
C ILE B 227 23.34 -4.72 1.93
N ARG B 228 22.95 -5.95 2.27
CA ARG B 228 23.83 -7.10 2.23
C ARG B 228 23.41 -7.99 1.07
N LEU B 229 24.33 -8.18 0.11
CA LEU B 229 24.04 -8.96 -1.08
C LEU B 229 23.90 -10.43 -0.71
N PHE B 230 23.62 -11.25 -1.73
CA PHE B 230 23.40 -12.67 -1.47
C PHE B 230 24.67 -13.35 -0.99
N ASP B 231 25.83 -12.94 -1.51
CA ASP B 231 27.08 -13.60 -1.16
C ASP B 231 27.71 -13.06 0.13
N GLY B 232 27.14 -12.01 0.71
CA GLY B 232 27.56 -11.53 2.01
C GLY B 232 28.23 -10.17 2.01
N THR B 233 28.50 -9.59 0.85
CA THR B 233 29.18 -8.30 0.82
C THR B 233 28.19 -7.18 1.06
N TRP B 234 28.68 -6.10 1.67
CA TRP B 234 27.85 -4.98 2.08
C TRP B 234 28.20 -3.74 1.26
N VAL B 235 27.17 -3.08 0.75
CA VAL B 235 27.29 -1.83 0.01
C VAL B 235 26.18 -0.91 0.49
N SER B 236 26.26 0.36 0.08
CA SER B 236 25.22 1.33 0.43
C SER B 236 25.12 2.36 -0.68
N PHE B 237 24.00 2.36 -1.40
CA PHE B 237 23.71 3.41 -2.38
C PHE B 237 22.25 3.81 -2.26
N THR B 238 21.92 4.93 -2.89
CA THR B 238 20.61 5.53 -2.73
C THR B 238 19.54 4.75 -3.49
N LYS B 239 18.47 4.39 -2.78
CA LYS B 239 17.32 3.69 -3.33
C LYS B 239 17.72 2.40 -4.03
N PRO B 240 18.16 1.38 -3.27
CA PRO B 240 18.39 0.06 -3.89
C PRO B 240 17.13 -0.71 -4.18
N ASP B 241 16.01 -0.36 -3.53
CA ASP B 241 14.73 -1.06 -3.67
C ASP B 241 14.85 -2.52 -3.23
N VAL B 242 15.31 -2.69 -1.99
CA VAL B 242 15.37 -3.99 -1.32
C VAL B 242 14.29 -4.00 -0.25
N HIS B 243 13.63 -5.16 -0.09
CA HIS B 243 12.42 -5.22 0.70
C HIS B 243 12.51 -6.05 1.99
N VAL B 244 13.48 -6.95 2.10
CA VAL B 244 13.63 -7.74 3.31
C VAL B 244 14.67 -7.05 4.20
N TRP B 245 14.70 -7.44 5.48
CA TRP B 245 15.39 -6.63 6.47
C TRP B 245 16.47 -7.41 7.22
N CYS B 246 16.87 -8.58 6.73
CA CYS B 246 18.14 -9.20 7.09
C CYS B 246 18.22 -9.55 8.59
N THR B 247 17.73 -10.75 8.95
CA THR B 247 17.72 -11.32 10.29
C THR B 247 19.03 -11.06 11.04
N PRO B 248 18.98 -10.80 12.35
CA PRO B 248 20.18 -10.29 13.05
C PRO B 248 21.36 -11.25 13.12
N ASN B 249 21.21 -12.52 12.75
CA ASN B 249 22.34 -13.44 12.74
C ASN B 249 23.09 -13.48 11.41
N GLN B 250 22.73 -12.65 10.45
CA GLN B 250 23.46 -12.57 9.19
C GLN B 250 24.60 -11.56 9.27
N LEU B 251 25.72 -11.93 8.65
CA LEU B 251 26.97 -11.18 8.73
C LEU B 251 27.38 -10.71 7.35
N ILE B 252 28.32 -9.77 7.33
CA ILE B 252 28.94 -9.30 6.11
C ILE B 252 30.41 -9.72 6.10
N ASN B 253 31.04 -9.59 4.93
CA ASN B 253 32.38 -10.08 4.68
C ASN B 253 33.40 -8.95 4.69
N ILE B 254 34.67 -9.33 4.82
CA ILE B 254 35.77 -8.36 4.76
C ILE B 254 35.82 -7.73 3.39
N HIS B 255 36.56 -6.63 3.29
CA HIS B 255 36.96 -6.04 2.01
C HIS B 255 38.47 -5.89 2.07
N ASN B 256 39.20 -6.91 1.62
CA ASN B 256 40.64 -6.84 1.55
C ASN B 256 41.09 -6.80 0.10
N ASP B 257 42.36 -6.42 -0.10
CA ASP B 257 42.87 -6.25 -1.46
C ASP B 257 42.94 -7.57 -2.21
N ARG B 258 43.08 -8.69 -1.50
CA ARG B 258 43.08 -9.99 -2.18
C ARG B 258 41.72 -10.27 -2.81
N LEU B 259 40.63 -9.94 -2.10
CA LEU B 259 39.31 -10.04 -2.69
C LEU B 259 39.23 -9.24 -3.98
N ASP B 260 39.73 -7.99 -3.95
CA ASP B 260 39.68 -7.14 -5.13
C ASP B 260 40.49 -7.75 -6.27
N GLU B 261 41.62 -8.38 -5.96
CA GLU B 261 42.44 -9.02 -6.98
C GLU B 261 41.71 -10.20 -7.62
N ILE B 262 41.11 -11.06 -6.80
CA ILE B 262 40.42 -12.22 -7.35
C ILE B 262 39.19 -11.78 -8.15
N GLU B 263 38.51 -10.73 -7.69
CA GLU B 263 37.39 -10.18 -8.44
C GLU B 263 37.85 -9.70 -9.81
N HIS B 264 38.90 -8.89 -9.85
CA HIS B 264 39.39 -8.37 -11.13
C HIS B 264 39.83 -9.50 -12.04
N LEU B 265 40.54 -10.50 -11.48
CA LEU B 265 41.00 -11.60 -12.32
C LEU B 265 39.84 -12.41 -12.87
N ILE B 266 38.74 -12.50 -12.12
CA ILE B 266 37.55 -13.20 -12.64
C ILE B 266 36.91 -12.38 -13.76
N VAL B 267 36.76 -11.07 -13.55
CA VAL B 267 36.18 -10.22 -14.57
C VAL B 267 36.96 -10.34 -15.88
N GLU B 268 38.29 -10.31 -15.78
CA GLU B 268 39.13 -10.43 -16.97
C GLU B 268 39.15 -11.84 -17.54
N ASP B 269 38.95 -12.87 -16.71
CA ASP B 269 38.78 -14.21 -17.28
C ASP B 269 37.54 -14.26 -18.17
N ILE B 270 36.44 -13.64 -17.72
CA ILE B 270 35.22 -13.63 -18.52
C ILE B 270 35.43 -12.81 -19.80
N ILE B 271 36.08 -11.65 -19.68
CA ILE B 271 36.35 -10.83 -20.86
C ILE B 271 37.25 -11.58 -21.84
N LYS B 272 38.24 -12.30 -21.31
CA LYS B 272 39.13 -13.08 -22.18
C LYS B 272 38.36 -14.19 -22.88
N LYS B 273 37.37 -14.77 -22.19
CA LYS B 273 36.53 -15.78 -22.85
C LYS B 273 35.80 -15.18 -24.04
N ARG B 274 35.19 -14.00 -23.86
CA ARG B 274 34.50 -13.39 -24.99
C ARG B 274 35.48 -13.02 -26.11
N GLU B 275 36.63 -12.47 -25.76
CA GLU B 275 37.60 -12.10 -26.80
C GLU B 275 38.07 -13.34 -27.57
N GLU B 276 38.20 -14.48 -26.89
CA GLU B 276 38.58 -15.70 -27.59
C GLU B 276 37.47 -16.16 -28.52
N CYS B 277 36.21 -16.01 -28.10
CA CYS B 277 35.13 -16.33 -29.03
C CYS B 277 35.15 -15.43 -30.25
N LEU B 278 35.40 -14.13 -30.04
CA LEU B 278 35.42 -13.20 -31.17
C LEU B 278 36.59 -13.49 -32.10
N ASP B 279 37.75 -13.84 -31.54
CA ASP B 279 38.89 -14.20 -32.37
C ASP B 279 38.60 -15.48 -33.15
N THR B 280 37.95 -16.45 -32.49
CA THR B 280 37.58 -17.69 -33.16
C THR B 280 36.65 -17.42 -34.34
N LEU B 281 35.56 -16.67 -34.09
CA LEU B 281 34.63 -16.33 -35.17
C LEU B 281 35.34 -15.58 -36.29
N GLU B 282 36.25 -14.68 -35.91
CA GLU B 282 36.96 -13.88 -36.92
C GLU B 282 37.79 -14.78 -37.82
N THR B 283 38.48 -15.77 -37.24
CA THR B 283 39.26 -16.70 -38.05
C THR B 283 38.36 -17.62 -38.86
N ILE B 284 37.17 -17.95 -38.35
CA ILE B 284 36.25 -18.76 -39.12
C ILE B 284 35.78 -18.01 -40.36
N LEU B 285 35.45 -16.73 -40.23
CA LEU B 285 34.91 -15.98 -41.36
C LEU B 285 35.93 -15.84 -42.49
N MET B 286 37.18 -15.56 -42.15
CA MET B 286 38.19 -15.37 -43.18
C MET B 286 38.83 -16.68 -43.64
N SER B 287 38.41 -17.82 -43.12
CA SER B 287 38.94 -19.10 -43.53
C SER B 287 37.90 -20.03 -44.13
N GLN B 288 36.61 -19.67 -44.07
CA GLN B 288 35.54 -20.49 -44.62
C GLN B 288 35.60 -21.92 -44.08
N SER B 289 36.09 -22.08 -42.85
CA SER B 289 36.34 -23.39 -42.26
C SER B 289 36.14 -23.30 -40.76
N VAL B 290 35.62 -24.37 -40.17
CA VAL B 290 35.31 -24.40 -38.75
C VAL B 290 35.68 -25.77 -38.19
N SER B 291 36.55 -25.80 -37.19
CA SER B 291 36.87 -27.02 -36.46
C SER B 291 35.86 -27.23 -35.35
N PHE B 292 35.57 -28.51 -35.05
CA PHE B 292 34.51 -28.82 -34.11
C PHE B 292 34.86 -28.38 -32.69
N ARG B 293 36.12 -28.60 -32.27
CA ARG B 293 36.52 -28.20 -30.93
C ARG B 293 36.37 -26.70 -30.71
N ARG B 294 36.57 -25.90 -31.75
CA ARG B 294 36.41 -24.46 -31.63
C ARG B 294 34.99 -24.09 -31.20
N LEU B 295 34.01 -24.96 -31.47
CA LEU B 295 32.64 -24.69 -31.04
C LEU B 295 32.54 -24.51 -29.53
N SER B 296 33.55 -24.97 -28.78
CA SER B 296 33.50 -24.80 -27.34
C SER B 296 33.45 -23.33 -26.94
N HIS B 297 33.93 -22.42 -27.81
CA HIS B 297 33.88 -21.01 -27.49
C HIS B 297 32.48 -20.44 -27.62
N PHE B 298 31.60 -21.11 -28.35
CA PHE B 298 30.24 -20.60 -28.58
C PHE B 298 29.26 -21.10 -27.53
N ARG B 299 29.74 -21.78 -26.49
CA ARG B 299 28.89 -22.10 -25.36
C ARG B 299 28.49 -20.82 -24.63
N LYS B 300 27.24 -20.78 -24.19
CA LYS B 300 26.82 -19.73 -23.27
C LYS B 300 27.42 -20.01 -21.89
N LEU B 301 27.73 -18.95 -21.14
CA LEU B 301 28.41 -19.10 -19.87
C LEU B 301 27.48 -18.97 -18.68
N VAL B 302 26.22 -18.55 -18.88
CA VAL B 302 25.25 -18.43 -17.80
C VAL B 302 23.98 -19.14 -18.25
N PRO B 303 23.16 -19.65 -17.33
CA PRO B 303 21.91 -20.29 -17.75
C PRO B 303 21.03 -19.32 -18.52
N GLY B 304 20.35 -19.83 -19.53
CA GLY B 304 19.52 -18.98 -20.34
C GLY B 304 19.30 -19.60 -21.71
N TYR B 305 18.37 -18.99 -22.44
CA TYR B 305 18.09 -19.44 -23.79
C TYR B 305 19.25 -19.09 -24.71
N GLY B 306 19.76 -20.09 -25.41
CA GLY B 306 20.82 -19.88 -26.37
C GLY B 306 20.85 -20.95 -27.46
N LYS B 307 21.97 -21.05 -28.17
CA LYS B 307 22.13 -22.01 -29.26
C LYS B 307 23.14 -23.08 -28.86
N ALA B 308 23.13 -24.17 -29.62
CA ALA B 308 24.15 -25.21 -29.48
C ALA B 308 24.50 -25.72 -30.86
N TYR B 309 25.79 -25.81 -31.15
CA TYR B 309 26.25 -26.10 -32.50
C TYR B 309 27.01 -27.42 -32.53
N THR B 310 27.08 -28.01 -33.72
CA THR B 310 27.79 -29.25 -33.95
C THR B 310 28.15 -29.31 -35.42
N ILE B 311 29.09 -30.18 -35.77
CA ILE B 311 29.38 -30.46 -37.18
C ILE B 311 29.02 -31.91 -37.42
N LEU B 312 27.88 -32.14 -38.07
CA LEU B 312 27.38 -33.49 -38.33
C LEU B 312 27.11 -33.65 -39.83
N ASN B 313 27.38 -34.85 -40.34
CA ASN B 313 27.24 -35.16 -41.77
C ASN B 313 28.05 -34.22 -42.64
N GLY B 314 29.10 -33.61 -42.08
CA GLY B 314 29.92 -32.67 -42.81
C GLY B 314 29.39 -31.26 -42.87
N SER B 315 28.42 -30.90 -42.02
CA SER B 315 27.83 -29.58 -42.08
C SER B 315 27.62 -29.04 -40.67
N LEU B 316 27.79 -27.72 -40.53
CA LEU B 316 27.52 -27.07 -39.26
C LEU B 316 26.01 -27.00 -39.02
N MET B 317 25.59 -27.38 -37.82
CA MET B 317 24.18 -27.44 -37.45
C MET B 317 23.99 -26.78 -36.10
N GLU B 318 22.81 -26.18 -35.91
CA GLU B 318 22.50 -25.41 -34.70
C GLU B 318 21.17 -25.88 -34.13
N THR B 319 20.97 -25.62 -32.83
CA THR B 319 19.70 -25.87 -32.17
C THR B 319 19.41 -24.78 -31.15
N ASN B 320 18.13 -24.40 -31.07
CA ASN B 320 17.64 -23.57 -29.98
C ASN B 320 17.52 -24.44 -28.73
N VAL B 321 17.99 -23.91 -27.59
CA VAL B 321 18.01 -24.74 -26.39
C VAL B 321 18.17 -23.87 -25.15
N TYR B 322 17.92 -24.45 -23.97
CA TYR B 322 18.02 -23.74 -22.71
C TYR B 322 19.20 -24.30 -21.93
N TYR B 323 20.12 -23.42 -21.53
CA TYR B 323 21.29 -23.78 -20.76
C TYR B 323 20.99 -23.70 -19.27
N LYS B 324 21.34 -24.76 -18.53
CA LYS B 324 21.18 -24.82 -17.09
C LYS B 324 22.55 -24.99 -16.43
N ARG B 325 22.59 -24.66 -15.14
CA ARG B 325 23.82 -24.63 -14.36
C ARG B 325 24.43 -26.03 -14.27
N VAL B 326 25.76 -26.08 -14.27
CA VAL B 326 26.52 -27.26 -13.90
C VAL B 326 27.62 -26.75 -12.96
N ASP B 327 27.42 -26.97 -11.66
CA ASP B 327 28.38 -26.50 -10.66
C ASP B 327 29.38 -27.57 -10.26
N LYS B 328 29.18 -28.81 -10.70
CA LYS B 328 30.09 -29.91 -10.42
C LYS B 328 30.22 -30.73 -11.69
N TRP B 329 31.43 -31.22 -11.95
CA TRP B 329 31.67 -31.96 -13.19
C TRP B 329 30.87 -33.25 -13.23
N ALA B 330 30.71 -33.91 -12.08
CA ALA B 330 30.13 -35.25 -12.02
C ALA B 330 28.73 -35.30 -12.61
N ASP B 331 27.94 -34.25 -12.36
CA ASP B 331 26.51 -34.26 -12.75
C ASP B 331 26.31 -34.62 -14.23
N ILE B 332 27.10 -34.03 -15.12
CA ILE B 332 26.96 -34.31 -16.55
C ILE B 332 27.75 -35.54 -17.01
N LEU B 333 28.76 -35.97 -16.23
CA LEU B 333 29.58 -37.13 -16.56
C LEU B 333 29.69 -38.02 -15.32
N PRO B 334 28.56 -38.62 -14.89
CA PRO B 334 28.67 -39.53 -13.73
C PRO B 334 29.39 -40.82 -14.06
N SER B 335 29.08 -41.42 -15.21
CA SER B 335 29.73 -42.64 -15.68
C SER B 335 30.94 -42.29 -16.56
N LYS B 336 31.63 -43.31 -17.02
CA LYS B 336 32.76 -43.13 -17.92
C LYS B 336 32.36 -43.02 -19.39
N GLY B 337 31.07 -43.11 -19.71
CA GLY B 337 30.61 -42.99 -21.08
C GLY B 337 29.47 -42.02 -21.28
N CYS B 338 28.70 -41.78 -20.22
CA CYS B 338 27.48 -41.00 -20.33
C CYS B 338 27.74 -39.51 -20.42
N LEU B 339 26.92 -38.83 -21.21
CA LEU B 339 26.83 -37.38 -21.24
C LEU B 339 25.35 -37.10 -21.00
N LYS B 340 25.00 -36.78 -19.76
CA LYS B 340 23.61 -36.70 -19.31
C LYS B 340 22.97 -35.40 -19.81
N VAL B 341 22.08 -35.51 -20.79
CA VAL B 341 21.32 -34.37 -21.30
C VAL B 341 19.84 -34.61 -20.99
N GLY B 342 19.25 -33.72 -20.21
CA GLY B 342 17.94 -34.04 -19.64
C GLY B 342 18.09 -35.06 -18.53
N GLN B 343 17.23 -36.07 -18.53
CA GLN B 343 17.37 -37.10 -17.52
C GLN B 343 18.28 -38.24 -17.99
N GLN B 344 18.07 -38.75 -19.20
CA GLN B 344 18.87 -39.84 -19.75
C GLN B 344 19.99 -39.31 -20.63
N CYS B 345 20.98 -40.16 -20.88
CA CYS B 345 22.15 -39.78 -21.67
C CYS B 345 21.89 -39.97 -23.17
N MET B 346 22.35 -39.00 -23.96
CA MET B 346 22.23 -39.03 -25.40
C MET B 346 23.37 -39.81 -26.03
N GLU B 347 23.12 -40.35 -27.22
CA GLU B 347 24.08 -41.21 -27.90
C GLU B 347 24.99 -40.39 -28.79
N PRO B 348 26.30 -40.47 -28.62
CA PRO B 348 27.22 -39.77 -29.53
C PRO B 348 27.40 -40.54 -30.84
N VAL B 349 27.79 -39.78 -31.87
CA VAL B 349 27.92 -40.32 -33.22
C VAL B 349 29.27 -39.88 -33.81
N LYS B 350 29.95 -40.83 -34.45
CA LYS B 350 31.17 -40.59 -35.23
C LYS B 350 32.28 -39.96 -34.41
N GLY B 351 32.21 -40.04 -33.09
CA GLY B 351 33.21 -39.41 -32.25
C GLY B 351 32.94 -37.95 -31.96
N VAL B 352 31.70 -37.50 -32.08
CA VAL B 352 31.36 -36.09 -32.02
C VAL B 352 30.01 -35.96 -31.33
N LEU B 353 29.95 -35.17 -30.25
CA LEU B 353 28.69 -34.91 -29.59
C LEU B 353 28.14 -33.55 -29.97
N PHE B 354 28.71 -32.49 -29.41
CA PHE B 354 28.28 -31.11 -29.66
C PHE B 354 29.15 -30.19 -28.81
N ASN B 355 29.22 -28.93 -29.24
CA ASN B 355 29.93 -27.87 -28.51
C ASN B 355 31.36 -28.30 -28.16
N GLY B 356 32.02 -28.99 -29.08
CA GLY B 356 33.40 -29.38 -28.89
C GLY B 356 33.61 -30.63 -28.07
N ILE B 357 32.54 -31.28 -27.62
CA ILE B 357 32.65 -32.51 -26.83
C ILE B 357 32.81 -33.70 -27.77
N ILE B 358 33.89 -34.45 -27.58
CA ILE B 358 34.27 -35.52 -28.51
C ILE B 358 34.24 -36.86 -27.79
N LYS B 359 34.69 -37.91 -28.49
CA LYS B 359 34.90 -39.24 -27.92
C LYS B 359 36.36 -39.63 -28.09
N GLY B 360 37.14 -39.47 -27.03
CA GLY B 360 38.56 -39.78 -27.07
C GLY B 360 38.89 -41.24 -27.34
N LEU B 366 33.82 -38.15 -23.55
CA LEU B 366 33.64 -37.06 -22.59
C LEU B 366 34.45 -35.83 -22.98
N ILE B 367 35.43 -35.51 -22.14
CA ILE B 367 36.34 -34.35 -22.22
C ILE B 367 35.68 -33.11 -22.82
N PRO B 368 34.77 -32.43 -22.08
CA PRO B 368 34.20 -31.17 -22.51
C PRO B 368 35.01 -29.93 -22.13
N GLU B 369 36.32 -29.98 -22.40
CA GLU B 369 37.25 -28.86 -22.18
C GLU B 369 37.20 -28.35 -20.73
N MET B 370 37.34 -29.27 -19.77
CA MET B 370 37.56 -28.91 -18.38
C MET B 370 39.03 -28.69 -18.06
N GLN B 371 39.90 -28.74 -19.08
CA GLN B 371 41.34 -28.64 -18.85
C GLN B 371 41.79 -27.23 -18.51
N SER B 372 41.05 -26.20 -18.92
CA SER B 372 41.41 -24.83 -18.58
C SER B 372 41.32 -24.59 -17.07
N GLU B 373 40.10 -24.65 -16.54
CA GLU B 373 39.78 -24.40 -15.13
C GLU B 373 40.54 -23.20 -14.57
N GLN B 374 40.49 -22.09 -15.29
CA GLN B 374 41.13 -20.87 -14.77
C GLN B 374 40.12 -20.00 -14.03
N LEU B 375 38.96 -19.77 -14.64
CA LEU B 375 37.87 -19.12 -13.92
C LEU B 375 37.45 -19.95 -12.71
N LYS B 376 37.60 -21.28 -12.78
CA LYS B 376 37.28 -22.11 -11.63
C LYS B 376 38.34 -21.98 -10.54
N GLN B 377 39.61 -21.89 -10.93
CA GLN B 377 40.66 -21.67 -9.94
C GLN B 377 40.47 -20.35 -9.22
N HIS B 378 40.15 -19.30 -9.98
CA HIS B 378 39.96 -18.00 -9.36
C HIS B 378 38.68 -17.97 -8.52
N MET B 379 37.66 -18.72 -8.94
CA MET B 379 36.46 -18.81 -8.11
C MET B 379 36.72 -19.56 -6.82
N ASP B 380 37.58 -20.58 -6.83
CA ASP B 380 37.93 -21.26 -5.59
C ASP B 380 38.72 -20.33 -4.69
N LEU B 381 39.57 -19.47 -5.28
CA LEU B 381 40.30 -18.49 -4.49
C LEU B 381 39.36 -17.47 -3.87
N LEU B 382 38.34 -17.04 -4.62
CA LEU B 382 37.40 -16.06 -4.08
C LEU B 382 36.56 -16.66 -2.96
N LYS B 383 35.97 -17.84 -3.22
CA LYS B 383 35.16 -18.51 -2.22
C LYS B 383 35.98 -18.98 -1.02
N ALA B 384 37.31 -19.01 -1.13
CA ALA B 384 38.16 -19.33 0.00
C ALA B 384 38.77 -18.10 0.68
N ALA B 385 38.72 -16.93 0.04
CA ALA B 385 39.33 -15.73 0.57
C ALA B 385 38.35 -14.85 1.35
N VAL B 386 37.11 -15.29 1.53
CA VAL B 386 36.08 -14.51 2.23
C VAL B 386 35.92 -15.05 3.64
N PHE B 387 36.11 -14.19 4.64
CA PHE B 387 35.81 -14.57 6.00
C PHE B 387 34.96 -13.46 6.62
N PRO B 388 33.80 -13.81 7.18
CA PRO B 388 32.84 -12.79 7.62
C PRO B 388 33.31 -12.07 8.87
N LEU B 389 32.62 -10.98 9.19
CA LEU B 389 32.93 -10.14 10.34
C LEU B 389 31.96 -10.50 11.46
N ARG B 390 32.42 -11.34 12.37
CA ARG B 390 31.61 -11.68 13.53
C ARG B 390 31.85 -10.67 14.64
N HIS B 391 30.83 -10.50 15.48
CA HIS B 391 30.96 -9.52 16.55
C HIS B 391 31.56 -10.17 17.79
N PRO B 392 32.07 -9.38 18.73
CA PRO B 392 32.51 -9.89 20.04
C PRO B 392 31.39 -10.61 20.80
N GLU C 1 -33.88 9.46 -6.18
CA GLU C 1 -32.51 9.82 -6.51
C GLU C 1 -32.43 11.21 -7.12
N PHE C 2 -31.23 11.76 -7.14
CA PHE C 2 -31.02 13.05 -7.79
C PHE C 2 -31.23 12.87 -9.29
N PRO C 3 -31.96 13.75 -9.94
CA PRO C 3 -32.06 13.71 -11.40
C PRO C 3 -30.78 14.27 -12.02
N LEU C 4 -30.70 14.20 -13.35
CA LEU C 4 -29.55 14.75 -14.06
C LEU C 4 -29.60 16.28 -14.05
N TYR C 5 -30.71 16.85 -14.49
CA TYR C 5 -30.94 18.28 -14.50
C TYR C 5 -32.35 18.53 -13.96
N THR C 6 -32.66 19.78 -13.63
CA THR C 6 -33.98 20.15 -13.17
C THR C 6 -34.43 21.37 -13.96
N ILE C 7 -35.58 21.26 -14.63
CA ILE C 7 -36.07 22.38 -15.43
C ILE C 7 -37.33 22.95 -14.77
N PRO C 8 -37.50 24.26 -14.71
CA PRO C 8 -38.73 24.82 -14.16
C PRO C 8 -39.89 24.67 -15.13
N GLU C 9 -41.09 24.69 -14.56
CA GLU C 9 -42.30 24.73 -15.37
C GLU C 9 -42.98 26.07 -15.22
N LYS C 10 -43.47 26.60 -16.35
CA LYS C 10 -44.20 27.85 -16.45
C LYS C 10 -43.58 28.99 -15.66
N ILE C 11 -42.53 29.60 -16.20
CA ILE C 11 -41.97 30.84 -15.66
C ILE C 11 -43.09 31.87 -15.49
N GLU C 12 -43.30 32.32 -14.26
CA GLU C 12 -44.45 33.16 -13.93
C GLU C 12 -44.21 34.63 -14.30
N LYS C 13 -43.20 35.24 -13.69
CA LYS C 13 -42.93 36.67 -13.81
C LYS C 13 -41.52 36.92 -13.28
N TRP C 14 -40.94 38.06 -13.66
CA TRP C 14 -39.61 38.41 -13.22
C TRP C 14 -39.69 39.65 -12.35
N THR C 15 -39.22 39.55 -11.11
CA THR C 15 -39.22 40.65 -10.18
C THR C 15 -37.80 41.00 -9.78
N PRO C 16 -37.39 42.27 -9.90
CA PRO C 16 -36.02 42.64 -9.51
C PRO C 16 -35.86 42.57 -8.01
N ILE C 17 -34.77 41.94 -7.57
CA ILE C 17 -34.52 41.69 -6.17
C ILE C 17 -33.14 42.22 -5.83
N ASP C 18 -32.89 42.35 -4.53
CA ASP C 18 -31.58 42.72 -4.08
C ASP C 18 -30.62 41.55 -4.31
N MET C 19 -29.33 41.87 -4.39
CA MET C 19 -28.35 40.82 -4.62
C MET C 19 -28.19 39.96 -3.37
N ILE C 20 -28.22 40.58 -2.19
CA ILE C 20 -28.08 39.84 -0.94
C ILE C 20 -29.27 38.91 -0.70
N HIS C 21 -30.38 39.12 -1.42
CA HIS C 21 -31.53 38.23 -1.30
C HIS C 21 -31.32 36.88 -1.99
N LEU C 22 -30.19 36.66 -2.64
CA LEU C 22 -29.90 35.34 -3.21
C LEU C 22 -29.79 34.30 -2.10
N SER C 23 -30.05 33.05 -2.44
CA SER C 23 -30.04 31.96 -1.48
C SER C 23 -29.74 30.65 -2.21
N CYS C 24 -28.77 29.89 -1.68
CA CYS C 24 -28.44 28.59 -2.27
C CYS C 24 -29.50 27.55 -1.88
N PRO C 25 -29.91 26.69 -2.82
CA PRO C 25 -31.01 25.75 -2.54
C PRO C 25 -30.76 24.78 -1.40
N ASN C 26 -29.50 24.38 -1.16
CA ASN C 26 -29.13 23.34 -0.17
C ASN C 26 -30.00 22.09 -0.34
N ASN C 27 -30.18 21.70 -1.61
CA ASN C 27 -31.13 20.67 -2.00
C ASN C 27 -30.92 19.39 -1.21
N LEU C 28 -31.90 19.06 -0.38
CA LEU C 28 -31.90 17.85 0.42
C LEU C 28 -33.24 17.17 0.22
N LEU C 29 -33.21 15.92 -0.22
CA LEU C 29 -34.43 15.16 -0.35
C LEU C 29 -35.11 14.99 1.00
N SER C 30 -34.34 15.08 2.08
CA SER C 30 -34.87 14.98 3.44
C SER C 30 -35.94 16.03 3.67
N GLU C 31 -35.58 17.31 3.52
CA GLU C 31 -36.55 18.36 3.77
C GLU C 31 -37.51 18.56 2.60
N GLU C 32 -37.18 18.07 1.41
CA GLU C 32 -38.15 18.04 0.33
C GLU C 32 -39.23 17.01 0.58
N GLU C 33 -39.00 16.08 1.51
CA GLU C 33 -40.04 15.17 1.96
C GLU C 33 -40.64 15.59 3.30
N GLY C 34 -40.19 16.73 3.84
CA GLY C 34 -40.73 17.25 5.07
C GLY C 34 -40.28 16.56 6.33
N CYS C 35 -39.03 16.09 6.37
CA CYS C 35 -38.47 15.41 7.53
C CYS C 35 -37.18 16.14 7.91
N ASN C 36 -37.26 17.04 8.88
CA ASN C 36 -36.09 17.81 9.27
C ASN C 36 -35.36 17.23 10.47
N ALA C 37 -36.01 16.37 11.25
CA ALA C 37 -35.28 15.72 12.34
C ALA C 37 -34.40 14.62 11.75
N GLU C 38 -33.33 14.29 12.47
CA GLU C 38 -32.43 13.25 12.01
C GLU C 38 -31.83 12.57 13.22
N SER C 39 -32.11 11.28 13.36
CA SER C 39 -31.59 10.46 14.45
C SER C 39 -30.60 9.44 13.92
N SER C 40 -29.77 8.92 14.82
CA SER C 40 -28.83 7.86 14.51
C SER C 40 -29.43 6.51 14.83
N PHE C 41 -29.33 5.55 13.91
CA PHE C 41 -29.83 4.21 14.15
C PHE C 41 -28.81 3.20 13.63
N THR C 42 -29.14 1.92 13.78
CA THR C 42 -28.33 0.82 13.23
C THR C 42 -29.26 -0.07 12.42
N TYR C 43 -29.07 -0.09 11.11
CA TYR C 43 -29.79 -1.00 10.23
C TYR C 43 -28.94 -2.25 10.00
N PHE C 44 -29.41 -3.12 9.10
CA PHE C 44 -28.66 -4.32 8.73
C PHE C 44 -28.40 -4.30 7.24
N GLU C 45 -27.13 -4.39 6.86
CA GLU C 45 -26.72 -4.52 5.47
C GLU C 45 -26.78 -5.98 5.04
N LEU C 46 -26.31 -6.23 3.84
CA LEU C 46 -25.75 -7.51 3.46
C LEU C 46 -24.27 -7.43 3.82
N LYS C 47 -23.75 -8.50 4.42
CA LYS C 47 -22.35 -8.52 4.87
C LYS C 47 -21.45 -7.91 3.82
N SER C 48 -20.52 -7.06 4.26
CA SER C 48 -19.73 -6.25 3.36
C SER C 48 -19.08 -7.13 2.30
N GLY C 49 -19.02 -6.62 1.08
CA GLY C 49 -18.51 -7.36 -0.04
C GLY C 49 -19.52 -8.37 -0.55
N TYR C 50 -19.20 -8.97 -1.70
CA TYR C 50 -20.16 -9.65 -2.56
C TYR C 50 -21.23 -10.43 -1.79
N LEU C 51 -20.82 -11.49 -1.08
CA LEU C 51 -21.74 -12.29 -0.28
C LEU C 51 -22.85 -12.91 -1.12
N ALA C 52 -22.59 -13.17 -2.39
CA ALA C 52 -23.56 -13.88 -3.21
C ALA C 52 -23.56 -15.37 -2.85
N HIS C 53 -24.68 -16.02 -3.10
CA HIS C 53 -24.80 -17.46 -2.86
C HIS C 53 -25.53 -18.14 -4.01
N GLU C 135 -27.15 -26.36 -1.73
CA GLU C 135 -27.55 -25.08 -2.33
C GLU C 135 -28.81 -24.54 -1.67
N MET C 136 -28.78 -23.27 -1.27
CA MET C 136 -29.91 -22.63 -0.62
C MET C 136 -30.25 -21.32 -1.31
N ASP C 137 -31.55 -21.07 -1.47
CA ASP C 137 -32.04 -19.76 -1.89
C ASP C 137 -32.18 -18.89 -0.64
N ILE C 138 -31.57 -17.70 -0.68
CA ILE C 138 -31.63 -16.79 0.46
C ILE C 138 -32.97 -16.08 0.62
N TYR C 139 -33.86 -16.15 -0.36
CA TYR C 139 -35.13 -15.43 -0.27
C TYR C 139 -36.09 -16.12 0.70
N GLY C 140 -36.44 -17.37 0.42
CA GLY C 140 -37.40 -18.09 1.23
C GLY C 140 -36.78 -19.15 2.12
N ARG C 141 -35.45 -19.22 2.12
CA ARG C 141 -34.70 -20.29 2.80
C ARG C 141 -35.07 -21.66 2.26
N THR C 142 -35.19 -21.76 0.93
CA THR C 142 -35.50 -23.02 0.28
C THR C 142 -34.20 -23.69 -0.16
N LEU C 143 -34.12 -24.99 0.09
CA LEU C 143 -32.91 -25.76 -0.20
C LEU C 143 -33.06 -26.48 -1.55
N HIS C 144 -31.96 -26.56 -2.28
CA HIS C 144 -31.93 -27.19 -3.59
C HIS C 144 -30.84 -28.25 -3.66
N VAL C 152 -35.50 -30.06 -3.97
CA VAL C 152 -36.17 -28.92 -3.38
C VAL C 152 -36.91 -29.33 -2.11
N CYS C 153 -36.68 -28.59 -1.02
CA CYS C 153 -37.24 -28.95 0.27
C CYS C 153 -37.61 -27.70 1.04
N SER C 154 -38.40 -27.90 2.10
CA SER C 154 -38.78 -26.83 3.01
C SER C 154 -39.05 -27.44 4.38
N ASN C 155 -38.38 -26.94 5.41
CA ASN C 155 -38.52 -27.47 6.75
C ASN C 155 -39.92 -27.22 7.30
N PRO C 161 -36.12 -30.32 11.04
CA PRO C 161 -34.68 -30.13 10.90
C PRO C 161 -34.03 -31.18 10.00
N SER C 162 -34.76 -31.64 8.99
CA SER C 162 -34.25 -32.61 8.03
C SER C 162 -35.11 -32.54 6.78
N CYS C 163 -34.62 -33.17 5.71
CA CYS C 163 -35.29 -33.13 4.42
C CYS C 163 -35.32 -34.51 3.79
N GLU C 164 -36.34 -34.74 2.97
CA GLU C 164 -36.50 -36.02 2.28
C GLU C 164 -35.52 -36.12 1.12
N THR C 165 -35.32 -37.35 0.66
CA THR C 165 -34.41 -37.62 -0.44
C THR C 165 -35.14 -38.18 -1.65
N SER C 180 -28.12 -21.71 11.51
CA SER C 180 -27.77 -20.33 11.84
C SER C 180 -26.41 -19.94 11.25
N LEU C 181 -25.54 -20.94 11.07
CA LEU C 181 -24.22 -20.68 10.50
C LEU C 181 -24.29 -20.32 9.02
N VAL C 182 -25.36 -20.70 8.34
CA VAL C 182 -25.50 -20.47 6.91
C VAL C 182 -26.30 -19.21 6.61
N CYS C 183 -27.32 -18.91 7.42
CA CYS C 183 -28.07 -17.66 7.30
C CYS C 183 -27.48 -16.53 8.14
N ASP C 184 -26.15 -16.42 8.17
CA ASP C 184 -25.46 -15.29 8.80
C ASP C 184 -24.84 -14.49 7.67
N ILE C 185 -25.65 -13.64 7.05
CA ILE C 185 -25.25 -12.90 5.87
C ILE C 185 -25.55 -11.42 6.04
N PHE C 186 -25.49 -10.93 7.28
CA PHE C 186 -25.85 -9.55 7.56
C PHE C 186 -24.82 -8.90 8.47
N THR C 187 -24.50 -7.65 8.17
CA THR C 187 -23.70 -6.80 9.05
C THR C 187 -24.54 -5.66 9.59
N SER C 188 -24.24 -5.26 10.82
CA SER C 188 -24.96 -4.18 11.49
C SER C 188 -24.15 -2.89 11.33
N SER C 189 -24.63 -1.98 10.49
CA SER C 189 -23.97 -0.73 10.19
C SER C 189 -24.76 0.44 10.77
N ASN C 190 -24.10 1.60 10.79
CA ASN C 190 -24.67 2.81 11.38
C ASN C 190 -25.27 3.69 10.29
N GLY C 191 -26.47 4.21 10.58
CA GLY C 191 -27.16 5.07 9.63
C GLY C 191 -27.84 6.22 10.34
N LYS C 192 -28.54 7.03 9.53
CA LYS C 192 -29.17 8.26 10.03
C LYS C 192 -30.55 8.37 9.38
N LYS C 193 -31.61 8.26 10.16
CA LYS C 193 -32.95 8.37 9.62
C LYS C 193 -33.48 9.78 9.79
N ALA C 194 -34.18 10.27 8.76
CA ALA C 194 -34.78 11.60 8.79
C ALA C 194 -36.26 11.44 9.09
N MET C 195 -36.73 12.09 10.15
CA MET C 195 -38.10 11.94 10.61
C MET C 195 -38.74 13.29 10.87
N ASN C 196 -40.06 13.32 10.67
CA ASN C 196 -40.94 14.39 11.13
C ASN C 196 -41.92 13.75 12.11
N GLY C 197 -41.74 14.01 13.39
CA GLY C 197 -42.48 13.28 14.40
C GLY C 197 -42.08 11.81 14.43
N SER C 198 -43.02 10.90 14.16
CA SER C 198 -42.71 9.48 14.13
C SER C 198 -42.65 8.88 12.74
N ARG C 199 -43.05 9.61 11.71
CA ARG C 199 -42.96 9.10 10.34
C ARG C 199 -41.54 9.21 9.82
N ILE C 200 -41.07 8.13 9.19
CA ILE C 200 -39.71 8.04 8.64
C ILE C 200 -39.79 8.29 7.14
N CYS C 201 -39.15 9.37 6.69
CA CYS C 201 -39.12 9.70 5.26
C CYS C 201 -38.09 8.87 4.51
N GLY C 202 -36.96 8.61 5.15
CA GLY C 202 -35.87 7.89 4.51
C GLY C 202 -34.67 7.89 5.43
N PHE C 203 -33.63 7.18 5.00
CA PHE C 203 -32.44 7.02 5.83
C PHE C 203 -31.20 7.21 4.96
N LYS C 204 -30.07 7.43 5.64
CA LYS C 204 -28.76 7.48 5.02
C LYS C 204 -27.93 6.32 5.57
N ASP C 205 -27.33 5.56 4.66
CA ASP C 205 -26.58 4.36 5.02
C ASP C 205 -25.21 4.75 5.54
N GLU C 206 -24.33 3.76 5.74
CA GLU C 206 -23.09 3.99 6.47
C GLU C 206 -22.12 4.94 5.75
N ARG C 207 -22.26 5.11 4.44
CA ARG C 207 -21.39 6.02 3.69
C ARG C 207 -22.07 7.35 3.36
N GLY C 208 -23.28 7.58 3.85
CA GLY C 208 -23.96 8.86 3.70
C GLY C 208 -24.90 9.02 2.53
N PHE C 209 -25.18 7.96 1.77
CA PHE C 209 -26.08 8.06 0.62
C PHE C 209 -27.51 7.93 1.14
N TYR C 210 -28.32 8.96 0.88
CA TYR C 210 -29.71 9.00 1.34
C TYR C 210 -30.62 8.29 0.36
N ARG C 211 -31.45 7.39 0.89
CA ARG C 211 -32.50 6.73 0.15
C ARG C 211 -33.84 7.00 0.82
N SER C 212 -34.85 7.21 -0.01
CA SER C 212 -36.20 7.49 0.44
C SER C 212 -37.00 6.21 0.52
N LEU C 213 -37.99 6.20 1.40
CA LEU C 213 -38.82 5.01 1.55
C LEU C 213 -39.93 4.95 0.53
N LYS C 214 -40.10 5.97 -0.31
CA LYS C 214 -41.12 5.91 -1.35
C LYS C 214 -40.74 4.84 -2.37
N GLY C 215 -41.69 3.99 -2.70
CA GLY C 215 -41.43 2.88 -3.58
C GLY C 215 -40.82 1.68 -2.89
N ALA C 216 -40.74 1.70 -1.57
CA ALA C 216 -40.22 0.56 -0.83
C ALA C 216 -41.27 -0.54 -0.79
N CYS C 217 -40.83 -1.71 -0.37
CA CYS C 217 -41.66 -2.89 -0.29
C CYS C 217 -41.10 -3.75 0.85
N LYS C 218 -41.77 -4.87 1.12
CA LYS C 218 -41.36 -5.75 2.21
C LYS C 218 -40.79 -7.03 1.63
N LEU C 219 -39.53 -7.33 1.97
CA LEU C 219 -38.87 -8.54 1.51
C LEU C 219 -37.97 -9.03 2.63
N THR C 220 -38.06 -10.31 2.97
CA THR C 220 -37.31 -10.90 4.07
C THR C 220 -36.38 -11.97 3.54
N LEU C 221 -35.08 -11.71 3.60
CA LEU C 221 -34.06 -12.65 3.19
C LEU C 221 -33.56 -13.44 4.40
N CYS C 222 -33.41 -14.75 4.20
CA CYS C 222 -32.83 -15.64 5.22
C CYS C 222 -33.56 -15.52 6.55
N GLY C 223 -34.86 -15.29 6.51
CA GLY C 223 -35.64 -15.20 7.73
C GLY C 223 -35.40 -13.93 8.53
N ARG C 224 -35.13 -12.82 7.86
CA ARG C 224 -34.88 -11.54 8.52
C ARG C 224 -35.83 -10.51 7.93
N PRO C 225 -36.81 -10.03 8.73
CA PRO C 225 -37.75 -9.02 8.21
C PRO C 225 -37.01 -7.76 7.76
N GLY C 226 -37.18 -7.43 6.48
CA GLY C 226 -36.54 -6.26 5.92
C GLY C 226 -37.38 -5.63 4.83
N ILE C 227 -36.82 -4.58 4.22
CA ILE C 227 -37.47 -3.84 3.15
C ILE C 227 -36.53 -3.74 1.97
N ARG C 228 -37.10 -3.69 0.77
CA ARG C 228 -36.32 -3.50 -0.45
C ARG C 228 -36.64 -2.11 -0.99
N LEU C 229 -35.61 -1.27 -1.05
CA LEU C 229 -35.81 0.11 -1.46
C LEU C 229 -36.16 0.19 -2.95
N PHE C 230 -36.37 1.41 -3.42
CA PHE C 230 -36.79 1.63 -4.81
C PHE C 230 -35.70 1.23 -5.79
N ASP C 231 -34.44 1.47 -5.45
CA ASP C 231 -33.34 1.20 -6.35
C ASP C 231 -32.87 -0.25 -6.30
N GLY C 232 -33.35 -1.02 -5.35
CA GLY C 232 -33.07 -2.44 -5.27
C GLY C 232 -32.25 -2.87 -4.06
N THR C 233 -31.75 -1.94 -3.27
CA THR C 233 -30.94 -2.34 -2.13
C THR C 233 -31.83 -2.76 -0.97
N TRP C 234 -31.33 -3.68 -0.15
CA TRP C 234 -32.08 -4.28 0.94
C TRP C 234 -31.48 -3.86 2.28
N VAL C 235 -32.34 -3.40 3.19
CA VAL C 235 -31.95 -3.05 4.55
C VAL C 235 -33.03 -3.58 5.50
N SER C 236 -32.72 -3.52 6.79
CA SER C 236 -33.67 -3.96 7.82
C SER C 236 -33.42 -3.15 9.08
N PHE C 237 -34.38 -2.32 9.47
CA PHE C 237 -34.32 -1.63 10.74
C PHE C 237 -35.70 -1.70 11.39
N THR C 238 -35.75 -1.36 12.67
CA THR C 238 -36.98 -1.55 13.44
C THR C 238 -38.02 -0.52 13.04
N LYS C 239 -39.24 -0.99 12.76
CA LYS C 239 -40.40 -0.18 12.42
C LYS C 239 -40.13 0.71 11.21
N PRO C 240 -39.99 0.15 10.01
CA PRO C 240 -39.88 0.98 8.80
C PRO C 240 -41.21 1.54 8.34
N ASP C 241 -42.34 0.93 8.72
CA ASP C 241 -43.68 1.38 8.34
C ASP C 241 -43.86 1.37 6.81
N VAL C 242 -43.61 0.21 6.21
CA VAL C 242 -43.86 -0.04 4.79
C VAL C 242 -45.03 -1.01 4.67
N HIS C 243 -45.90 -0.79 3.68
CA HIS C 243 -47.18 -1.50 3.62
C HIS C 243 -47.37 -2.42 2.43
N VAL C 244 -46.57 -2.32 1.38
CA VAL C 244 -46.67 -3.25 0.25
C VAL C 244 -45.66 -4.37 0.46
N TRP C 245 -45.84 -5.48 -0.26
CA TRP C 245 -45.15 -6.72 0.11
C TRP C 245 -44.31 -7.34 -1.01
N CYS C 246 -44.04 -6.59 -2.07
CA CYS C 246 -42.87 -6.88 -2.90
C CYS C 246 -42.87 -8.28 -3.52
N THR C 247 -43.54 -8.45 -4.65
CA THR C 247 -43.56 -9.72 -5.38
C THR C 247 -42.15 -10.33 -5.45
N PRO C 248 -42.02 -11.64 -5.24
CA PRO C 248 -40.69 -12.26 -5.10
C PRO C 248 -39.87 -12.23 -6.37
N ASN C 249 -40.47 -11.83 -7.49
CA ASN C 249 -39.77 -11.70 -8.75
C ASN C 249 -39.08 -10.35 -8.88
N GLN C 250 -39.15 -9.54 -7.82
CA GLN C 250 -38.33 -8.36 -7.67
C GLN C 250 -37.08 -8.77 -6.91
N LEU C 251 -35.95 -8.20 -7.29
CA LEU C 251 -34.67 -8.65 -6.73
C LEU C 251 -34.00 -7.54 -5.95
N ILE C 252 -33.02 -7.95 -5.15
CA ILE C 252 -32.18 -7.02 -4.42
C ILE C 252 -30.76 -7.08 -5.00
N ASN C 253 -29.94 -6.11 -4.63
CA ASN C 253 -28.63 -5.94 -5.24
C ASN C 253 -27.53 -6.40 -4.29
N ILE C 254 -26.35 -6.65 -4.88
CA ILE C 254 -25.17 -6.95 -4.07
C ILE C 254 -24.79 -5.74 -3.25
N HIS C 255 -23.95 -5.98 -2.24
CA HIS C 255 -23.31 -4.92 -1.47
C HIS C 255 -21.81 -5.20 -1.47
N ASN C 256 -21.11 -4.66 -2.45
CA ASN C 256 -19.66 -4.77 -2.55
C ASN C 256 -19.02 -3.42 -2.30
N ASP C 257 -17.70 -3.44 -2.09
CA ASP C 257 -16.98 -2.23 -1.77
C ASP C 257 -16.97 -1.24 -2.93
N ARG C 258 -17.11 -1.72 -4.17
CA ARG C 258 -17.20 -0.80 -5.30
C ARG C 258 -18.47 0.04 -5.22
N LEU C 259 -19.59 -0.59 -4.86
CA LEU C 259 -20.83 0.14 -4.65
C LEU C 259 -20.65 1.23 -3.61
N ASP C 260 -20.03 0.90 -2.48
CA ASP C 260 -19.82 1.89 -1.42
C ASP C 260 -18.87 2.99 -1.88
N GLU C 261 -17.88 2.66 -2.70
CA GLU C 261 -16.95 3.68 -3.19
C GLU C 261 -17.69 4.68 -4.08
N ILE C 262 -18.46 4.20 -5.04
CA ILE C 262 -19.18 5.11 -5.92
C ILE C 262 -20.24 5.90 -5.15
N GLU C 263 -20.87 5.26 -4.15
CA GLU C 263 -21.84 5.98 -3.32
C GLU C 263 -21.16 7.13 -2.59
N HIS C 264 -20.02 6.85 -1.94
CA HIS C 264 -19.33 7.90 -1.21
C HIS C 264 -18.90 9.03 -2.14
N LEU C 265 -18.43 8.69 -3.34
CA LEU C 265 -18.03 9.73 -4.27
C LEU C 265 -19.22 10.57 -4.74
N ILE C 266 -20.40 9.95 -4.88
CA ILE C 266 -21.58 10.73 -5.25
C ILE C 266 -22.00 11.65 -4.11
N VAL C 267 -21.99 11.14 -2.88
CA VAL C 267 -22.27 11.98 -1.72
C VAL C 267 -21.31 13.15 -1.68
N GLU C 268 -20.04 12.89 -1.99
CA GLU C 268 -19.03 13.93 -1.90
C GLU C 268 -19.22 14.97 -3.00
N ASP C 269 -19.65 14.55 -4.19
CA ASP C 269 -19.97 15.49 -5.26
C ASP C 269 -21.15 16.38 -4.86
N ILE C 270 -22.19 15.78 -4.29
CA ILE C 270 -23.39 16.55 -3.92
C ILE C 270 -23.04 17.59 -2.87
N ILE C 271 -22.20 17.24 -1.90
CA ILE C 271 -21.76 18.25 -0.94
C ILE C 271 -20.93 19.33 -1.63
N LYS C 272 -20.10 18.92 -2.60
CA LYS C 272 -19.21 19.87 -3.27
C LYS C 272 -19.99 20.91 -4.07
N LYS C 273 -21.11 20.52 -4.68
CA LYS C 273 -21.93 21.52 -5.39
C LYS C 273 -22.42 22.60 -4.44
N ARG C 274 -22.87 22.20 -3.24
CA ARG C 274 -23.28 23.17 -2.24
C ARG C 274 -22.14 24.09 -1.85
N GLU C 275 -20.94 23.51 -1.67
CA GLU C 275 -19.77 24.33 -1.34
C GLU C 275 -19.48 25.35 -2.44
N GLU C 276 -19.68 24.94 -3.70
CA GLU C 276 -19.43 25.83 -4.83
C GLU C 276 -20.46 26.96 -4.89
N CYS C 277 -21.73 26.66 -4.60
CA CYS C 277 -22.72 27.73 -4.55
C CYS C 277 -22.37 28.74 -3.47
N LEU C 278 -21.94 28.25 -2.30
CA LEU C 278 -21.59 29.18 -1.23
C LEU C 278 -20.39 30.04 -1.59
N ASP C 279 -19.39 29.46 -2.27
CA ASP C 279 -18.26 30.26 -2.71
C ASP C 279 -18.71 31.32 -3.71
N THR C 280 -19.59 30.93 -4.63
CA THR C 280 -20.13 31.87 -5.61
C THR C 280 -20.81 33.05 -4.94
N LEU C 281 -21.77 32.76 -4.06
CA LEU C 281 -22.48 33.82 -3.38
C LEU C 281 -21.51 34.70 -2.58
N GLU C 282 -20.47 34.10 -2.00
CA GLU C 282 -19.51 34.89 -1.23
C GLU C 282 -18.79 35.89 -2.12
N THR C 283 -18.33 35.44 -3.30
CA THR C 283 -17.62 36.37 -4.18
C THR C 283 -18.57 37.42 -4.76
N ILE C 284 -19.82 37.05 -5.00
CA ILE C 284 -20.80 38.04 -5.48
C ILE C 284 -20.99 39.12 -4.43
N LEU C 285 -21.13 38.73 -3.17
CA LEU C 285 -21.34 39.72 -2.12
C LEU C 285 -20.12 40.62 -1.96
N MET C 286 -18.91 40.05 -1.99
CA MET C 286 -17.76 40.93 -1.78
C MET C 286 -17.32 41.65 -3.05
N SER C 287 -18.02 41.46 -4.17
CA SER C 287 -17.69 42.18 -5.40
C SER C 287 -18.83 43.06 -5.95
N GLN C 288 -20.03 43.03 -5.36
CA GLN C 288 -21.18 43.80 -5.87
C GLN C 288 -21.43 43.55 -7.36
N SER C 289 -21.16 42.33 -7.83
CA SER C 289 -21.28 42.02 -9.24
C SER C 289 -21.62 40.56 -9.38
N VAL C 290 -22.42 40.24 -10.40
CA VAL C 290 -22.88 38.87 -10.62
C VAL C 290 -22.83 38.57 -12.11
N SER C 291 -22.09 37.54 -12.48
CA SER C 291 -22.05 37.08 -13.86
C SER C 291 -23.22 36.14 -14.13
N PHE C 292 -23.74 36.20 -15.36
CA PHE C 292 -24.96 35.46 -15.68
C PHE C 292 -24.73 33.96 -15.70
N ARG C 293 -23.59 33.51 -16.25
CA ARG C 293 -23.32 32.07 -16.26
C ARG C 293 -23.23 31.51 -14.85
N ARG C 294 -22.71 32.31 -13.92
CA ARG C 294 -22.56 31.90 -12.53
C ARG C 294 -23.92 31.59 -11.89
N LEU C 295 -25.01 32.17 -12.40
CA LEU C 295 -26.33 31.87 -11.85
C LEU C 295 -26.65 30.39 -11.94
N SER C 296 -25.92 29.65 -12.79
CA SER C 296 -26.17 28.22 -12.92
C SER C 296 -25.96 27.48 -11.61
N HIS C 297 -25.19 28.05 -10.67
CA HIS C 297 -25.00 27.38 -9.38
C HIS C 297 -26.21 27.47 -8.47
N PHE C 298 -27.13 28.40 -8.72
CA PHE C 298 -28.29 28.55 -7.84
C PHE C 298 -29.48 27.70 -8.28
N ARG C 299 -29.30 26.88 -9.31
CA ARG C 299 -30.34 25.93 -9.70
C ARG C 299 -30.60 24.90 -8.62
N LYS C 300 -31.85 24.53 -8.45
CA LYS C 300 -32.20 23.38 -7.62
C LYS C 300 -31.83 22.09 -8.33
N LEU C 301 -31.43 21.09 -7.53
CA LEU C 301 -30.94 19.81 -8.03
C LEU C 301 -31.94 18.69 -7.89
N VAL C 302 -33.03 18.91 -7.16
CA VAL C 302 -34.08 17.92 -6.97
C VAL C 302 -35.40 18.62 -7.27
N PRO C 303 -36.41 17.88 -7.74
CA PRO C 303 -37.71 18.50 -8.02
C PRO C 303 -38.28 19.16 -6.76
N GLY C 304 -38.94 20.29 -6.94
CA GLY C 304 -39.50 20.99 -5.80
C GLY C 304 -39.67 22.46 -6.07
N TYR C 305 -40.41 23.10 -5.17
CA TYR C 305 -40.61 24.55 -5.25
C TYR C 305 -39.31 25.28 -4.92
N GLY C 306 -38.89 26.15 -5.82
CA GLY C 306 -37.71 26.95 -5.62
C GLY C 306 -37.77 28.22 -6.43
N LYS C 307 -36.61 28.82 -6.63
CA LYS C 307 -36.49 30.05 -7.40
C LYS C 307 -35.79 29.78 -8.72
N ALA C 308 -35.91 30.73 -9.63
CA ALA C 308 -35.18 30.71 -10.89
C ALA C 308 -34.76 32.13 -11.18
N TYR C 309 -33.49 32.34 -11.53
CA TYR C 309 -32.96 33.68 -11.62
C TYR C 309 -32.51 34.01 -13.04
N THR C 310 -32.39 35.31 -13.29
CA THR C 310 -31.94 35.84 -14.57
C THR C 310 -31.36 37.22 -14.32
N ILE C 311 -30.56 37.70 -15.26
CA ILE C 311 -30.08 39.08 -15.27
C ILE C 311 -30.68 39.72 -16.50
N LEU C 312 -31.70 40.54 -16.31
CA LEU C 312 -32.39 41.19 -17.42
C LEU C 312 -32.41 42.70 -17.21
N ASN C 313 -32.27 43.43 -18.31
CA ASN C 313 -32.23 44.88 -18.32
C ASN C 313 -31.11 45.44 -17.44
N GLY C 314 -30.07 44.65 -17.19
CA GLY C 314 -29.01 45.11 -16.32
C GLY C 314 -29.33 44.98 -14.86
N SER C 315 -30.33 44.17 -14.50
CA SER C 315 -30.79 44.02 -13.13
C SER C 315 -31.05 42.55 -12.83
N LEU C 316 -30.72 42.14 -11.61
CA LEU C 316 -30.98 40.78 -11.17
C LEU C 316 -32.47 40.57 -10.88
N MET C 317 -33.04 39.52 -11.44
CA MET C 317 -34.46 39.22 -11.29
C MET C 317 -34.64 37.75 -10.95
N GLU C 318 -35.67 37.45 -10.15
CA GLU C 318 -35.96 36.10 -9.68
C GLU C 318 -37.43 35.79 -9.92
N THR C 319 -37.76 34.50 -9.89
CA THR C 319 -39.14 34.05 -9.96
C THR C 319 -39.34 32.84 -9.06
N ASN C 320 -40.50 32.79 -8.40
CA ASN C 320 -40.94 31.55 -7.78
C ASN C 320 -41.38 30.58 -8.86
N VAL C 321 -40.96 29.33 -8.75
CA VAL C 321 -41.23 28.36 -9.80
C VAL C 321 -41.04 26.96 -9.25
N TYR C 322 -41.52 25.96 -9.99
CA TYR C 322 -41.47 24.57 -9.57
C TYR C 322 -40.52 23.83 -10.51
N TYR C 323 -39.49 23.18 -9.94
CA TYR C 323 -38.54 22.41 -10.71
C TYR C 323 -39.02 20.98 -10.86
N LYS C 324 -38.97 20.49 -12.10
CA LYS C 324 -39.36 19.15 -12.48
C LYS C 324 -38.14 18.42 -13.03
N ARG C 325 -38.23 17.09 -13.03
CA ARG C 325 -37.09 16.25 -13.40
C ARG C 325 -36.67 16.45 -14.84
N VAL C 326 -35.36 16.30 -15.06
CA VAL C 326 -34.77 16.16 -16.38
C VAL C 326 -33.80 14.99 -16.27
N ASP C 327 -34.21 13.82 -16.74
CA ASP C 327 -33.36 12.63 -16.71
C ASP C 327 -32.67 12.40 -18.04
N LYS C 328 -33.05 13.14 -19.08
CA LYS C 328 -32.46 13.02 -20.40
C LYS C 328 -32.31 14.43 -20.97
N TRP C 329 -31.19 14.67 -21.65
CA TRP C 329 -30.95 16.02 -22.17
C TRP C 329 -31.95 16.37 -23.25
N ALA C 330 -32.32 15.41 -24.09
CA ALA C 330 -33.08 15.70 -25.30
C ALA C 330 -34.40 16.40 -25.00
N ASP C 331 -35.10 15.99 -23.93
CA ASP C 331 -36.42 16.53 -23.65
C ASP C 331 -36.42 18.05 -23.58
N ILE C 332 -35.39 18.65 -22.96
CA ILE C 332 -35.37 20.11 -22.84
C ILE C 332 -34.85 20.79 -24.09
N LEU C 333 -34.09 20.09 -24.93
CA LEU C 333 -33.53 20.66 -26.15
C LEU C 333 -33.73 19.70 -27.33
N PRO C 334 -34.98 19.51 -27.75
CA PRO C 334 -35.20 18.63 -28.91
C PRO C 334 -34.70 19.24 -30.21
N SER C 335 -34.95 20.52 -30.42
CA SER C 335 -34.47 21.20 -31.61
C SER C 335 -33.10 21.81 -31.34
N LYS C 336 -32.54 22.41 -32.39
CA LYS C 336 -31.27 23.11 -32.27
C LYS C 336 -31.45 24.55 -31.83
N GLY C 337 -32.68 24.99 -31.61
CA GLY C 337 -32.93 26.34 -31.11
C GLY C 337 -33.89 26.38 -29.94
N CYS C 338 -34.77 25.38 -29.84
CA CYS C 338 -35.84 25.42 -28.85
C CYS C 338 -35.38 25.05 -27.46
N LEU C 339 -35.84 25.80 -26.47
CA LEU C 339 -35.58 25.51 -25.06
C LEU C 339 -36.94 25.35 -24.39
N LYS C 340 -37.34 24.10 -24.20
CA LYS C 340 -38.71 23.77 -23.80
C LYS C 340 -38.93 24.10 -22.33
N VAL C 341 -39.72 25.14 -22.07
CA VAL C 341 -40.16 25.49 -20.73
C VAL C 341 -41.66 25.25 -20.71
N GLY C 342 -42.10 24.28 -19.92
CA GLY C 342 -43.45 23.79 -20.12
C GLY C 342 -43.50 23.00 -21.41
N GLN C 343 -44.53 23.25 -22.21
CA GLN C 343 -44.66 22.65 -23.54
C GLN C 343 -43.97 23.46 -24.62
N GLN C 344 -44.11 24.78 -24.59
CA GLN C 344 -43.56 25.65 -25.62
C GLN C 344 -42.14 26.07 -25.27
N CYS C 345 -41.42 26.51 -26.29
CA CYS C 345 -40.07 27.00 -26.12
C CYS C 345 -40.16 28.48 -25.77
N MET C 346 -39.42 28.90 -24.76
CA MET C 346 -39.44 30.31 -24.37
C MET C 346 -38.45 31.09 -25.22
N GLU C 347 -38.71 32.37 -25.37
CA GLU C 347 -37.90 33.20 -26.25
C GLU C 347 -36.75 33.80 -25.47
N PRO C 348 -35.51 33.56 -25.89
CA PRO C 348 -34.37 34.21 -25.23
C PRO C 348 -34.19 35.64 -25.72
N VAL C 349 -33.55 36.44 -24.88
CA VAL C 349 -33.38 37.87 -25.14
C VAL C 349 -31.92 38.25 -24.92
N LYS C 350 -31.34 38.96 -25.88
CA LYS C 350 -30.01 39.55 -25.75
C LYS C 350 -28.94 38.53 -25.41
N GLY C 351 -29.19 37.26 -25.68
CA GLY C 351 -28.26 36.21 -25.32
C GLY C 351 -28.44 35.64 -23.94
N VAL C 352 -29.63 35.76 -23.35
CA VAL C 352 -29.84 35.42 -21.95
C VAL C 352 -31.22 34.80 -21.80
N LEU C 353 -31.28 33.57 -21.25
CA LEU C 353 -32.55 32.95 -20.91
C LEU C 353 -32.80 33.04 -19.41
N PHE C 354 -32.13 32.19 -18.64
CA PHE C 354 -32.23 32.14 -17.18
C PHE C 354 -31.35 30.99 -16.68
N ASN C 355 -31.01 31.07 -15.40
CA ASN C 355 -30.26 30.02 -14.69
C ASN C 355 -29.01 29.60 -15.45
N GLY C 356 -28.29 30.59 -16.00
CA GLY C 356 -27.05 30.33 -16.68
C GLY C 356 -27.15 29.85 -18.11
N ILE C 357 -28.36 29.72 -18.65
CA ILE C 357 -28.53 29.32 -20.04
C ILE C 357 -28.37 30.55 -20.91
N ILE C 358 -27.47 30.47 -21.88
CA ILE C 358 -27.04 31.63 -22.65
C ILE C 358 -27.52 31.43 -24.08
N LYS C 359 -27.12 32.31 -25.00
CA LYS C 359 -27.30 32.10 -26.42
C LYS C 359 -25.94 32.07 -27.08
N GLY C 360 -25.49 30.88 -27.48
CA GLY C 360 -24.38 30.79 -28.41
C GLY C 360 -24.74 31.59 -29.64
N PRO C 361 -23.76 32.35 -30.16
CA PRO C 361 -24.07 33.34 -31.21
C PRO C 361 -24.93 32.80 -32.34
N ASP C 362 -24.66 31.58 -32.80
CA ASP C 362 -25.48 30.95 -33.83
C ASP C 362 -25.73 29.50 -33.45
N GLY C 363 -26.51 28.82 -34.27
CA GLY C 363 -26.75 27.42 -34.06
C GLY C 363 -27.55 27.20 -32.79
N GLN C 364 -26.98 26.46 -31.85
CA GLN C 364 -27.65 26.16 -30.59
C GLN C 364 -27.53 27.37 -29.67
N ILE C 365 -28.57 28.20 -29.63
CA ILE C 365 -28.59 29.24 -28.60
C ILE C 365 -28.68 28.60 -27.22
N LEU C 366 -29.55 27.60 -27.05
CA LEU C 366 -29.57 26.83 -25.81
C LEU C 366 -28.19 26.23 -25.54
N ILE C 367 -27.76 26.30 -24.28
CA ILE C 367 -26.42 25.83 -23.90
C ILE C 367 -26.31 25.79 -22.38
N PRO C 368 -26.87 24.79 -21.72
CA PRO C 368 -26.70 24.66 -20.26
C PRO C 368 -25.33 24.03 -19.96
N GLU C 369 -25.06 23.87 -18.67
CA GLU C 369 -23.80 23.29 -18.20
C GLU C 369 -23.84 21.76 -18.23
N MET C 370 -24.09 21.23 -19.43
CA MET C 370 -23.96 19.78 -19.64
C MET C 370 -22.52 19.36 -19.91
N GLN C 371 -21.57 20.28 -19.88
CA GLN C 371 -20.16 19.92 -20.05
C GLN C 371 -19.56 19.27 -18.82
N SER C 372 -20.13 19.52 -17.64
CA SER C 372 -19.63 18.94 -16.40
C SER C 372 -19.74 17.42 -16.39
N GLU C 373 -20.97 16.92 -16.38
CA GLU C 373 -21.27 15.49 -16.30
C GLU C 373 -20.38 14.78 -15.27
N GLN C 374 -20.35 15.35 -14.06
CA GLN C 374 -19.60 14.75 -12.97
C GLN C 374 -20.49 13.88 -12.08
N LEU C 375 -21.61 14.43 -11.60
CA LEU C 375 -22.60 13.60 -10.94
C LEU C 375 -23.19 12.57 -11.90
N LYS C 376 -23.27 12.92 -13.18
CA LYS C 376 -23.79 11.99 -14.17
C LYS C 376 -22.81 10.87 -14.46
N GLN C 377 -21.51 11.18 -14.47
CA GLN C 377 -20.50 10.14 -14.68
C GLN C 377 -20.56 9.11 -13.56
N HIS C 378 -20.61 9.57 -12.30
CA HIS C 378 -20.64 8.65 -11.18
C HIS C 378 -21.98 7.94 -11.08
N MET C 379 -23.06 8.61 -11.47
CA MET C 379 -24.37 7.96 -11.49
C MET C 379 -24.43 6.87 -12.55
N ASP C 380 -23.80 7.10 -13.70
CA ASP C 380 -23.72 6.05 -14.72
C ASP C 380 -22.83 4.90 -14.25
N LEU C 381 -21.77 5.19 -13.49
CA LEU C 381 -20.98 4.11 -12.92
C LEU C 381 -21.77 3.33 -11.88
N LEU C 382 -22.56 4.03 -11.07
CA LEU C 382 -23.32 3.37 -10.02
C LEU C 382 -24.42 2.47 -10.60
N LYS C 383 -25.22 3.00 -11.51
CA LYS C 383 -26.26 2.19 -12.14
C LYS C 383 -25.67 1.07 -12.99
N ALA C 384 -24.37 1.11 -13.26
CA ALA C 384 -23.66 0.03 -13.93
C ALA C 384 -22.93 -0.88 -12.95
N ALA C 385 -22.79 -0.47 -11.69
CA ALA C 385 -22.09 -1.25 -10.68
C ALA C 385 -23.02 -2.11 -9.84
N VAL C 386 -24.32 -2.17 -10.18
CA VAL C 386 -25.29 -2.94 -9.42
C VAL C 386 -25.57 -4.25 -10.15
N PHE C 387 -25.64 -5.35 -9.40
CA PHE C 387 -25.99 -6.64 -9.96
C PHE C 387 -26.99 -7.33 -9.04
N PRO C 388 -28.18 -7.67 -9.54
CA PRO C 388 -29.19 -8.28 -8.68
C PRO C 388 -28.84 -9.71 -8.30
N LEU C 389 -29.53 -10.22 -7.30
CA LEU C 389 -29.31 -11.56 -6.76
C LEU C 389 -30.44 -12.46 -7.23
N ARG C 390 -30.20 -13.23 -8.28
CA ARG C 390 -31.20 -14.18 -8.76
C ARG C 390 -31.08 -15.51 -8.01
N HIS C 391 -32.18 -16.25 -7.99
CA HIS C 391 -32.25 -17.49 -7.23
C HIS C 391 -31.70 -18.66 -8.05
N PRO C 392 -31.38 -19.78 -7.39
CA PRO C 392 -31.02 -20.99 -8.12
C PRO C 392 -32.13 -21.42 -9.07
N LEU C 393 -31.81 -22.39 -9.92
CA LEU C 393 -32.73 -22.83 -10.97
C LEU C 393 -32.83 -24.36 -11.02
#